data_8C3M
#
_entry.id   8C3M
#
_cell.length_a   164.612
_cell.length_b   56.935
_cell.length_c   94.388
_cell.angle_alpha   90.000
_cell.angle_beta   90.000
_cell.angle_gamma   90.000
#
_symmetry.space_group_name_H-M   'P 21 21 2'
#
loop_
_entity.id
_entity.type
_entity.pdbx_description
1 polymer 'Ferredoxin--NADP reductase'
2 non-polymer 'FLAVIN-ADENINE DINUCLEOTIDE'
3 non-polymer 'OXAMIC ACID'
4 non-polymer 'ACETATE ION'
5 water water
#
_entity_poly.entity_id   1
_entity_poly.type   'polypeptide(L)'
_entity_poly.pdbx_seq_one_letter_code
;MNREELFDVTVIGGGPAGLYSAFYSGLREMRTKIIEFHPHLGGKIHVYPEKMIWDVGGLLPVTGDKLIEQLVQQGLTFKP
EVVLDTKVESIIRNQDGTFTLKTSTGEEHFSKTVIVATGSGILKPQKLSIEGAERFEVSNLNYTVKSLKRFKGKTVIISG
GGNSAVDWANELEPIAKKVYVTYRKEELSGHEAQVKQLMNSSAECFFNTSITKLIAGDNHEAIEYVELTNHETGEVSHLP
IDEVIINHGYERDITLLENSELDVAIIDNYYIAGNANSESSVDGLYAAGDILKHEGKLHLIAGAFQDAGNAVNKAKQFIQ
PDASEYGMHSSHNEVFKKRNRELIKQMMK
;
_entity_poly.pdbx_strand_id   A,B
#
# COMPACT_ATOMS: atom_id res chain seq x y z
N GLU A 4 32.75 13.23 3.42
CA GLU A 4 33.23 11.91 3.05
C GLU A 4 32.20 11.27 2.12
N GLU A 5 32.34 9.97 1.90
CA GLU A 5 31.30 9.15 1.28
C GLU A 5 30.33 8.63 2.33
N LEU A 6 30.00 9.53 3.26
CA LEU A 6 29.19 9.22 4.43
C LEU A 6 27.74 9.53 4.08
N PHE A 7 26.96 8.47 3.92
CA PHE A 7 25.55 8.60 3.56
C PHE A 7 24.73 8.91 4.81
N ASP A 8 23.54 9.46 4.57
CA ASP A 8 22.60 9.67 5.67
C ASP A 8 21.93 8.38 6.11
N VAL A 9 21.40 7.62 5.16
CA VAL A 9 20.67 6.39 5.45
C VAL A 9 21.16 5.34 4.47
N THR A 10 21.67 4.23 4.99
CA THR A 10 22.01 3.11 4.14
C THR A 10 21.07 1.95 4.47
N VAL A 11 20.44 1.41 3.43
CA VAL A 11 19.45 0.35 3.59
C VAL A 11 20.10 -0.98 3.20
N ILE A 12 20.11 -1.94 4.11
CA ILE A 12 20.58 -3.28 3.79
C ILE A 12 19.36 -4.10 3.40
N GLY A 13 19.25 -4.46 2.13
CA GLY A 13 18.19 -5.33 1.62
C GLY A 13 17.23 -4.60 0.70
N GLY A 14 16.89 -5.25 -0.43
CA GLY A 14 16.09 -4.59 -1.44
C GLY A 14 14.68 -5.11 -1.69
N GLY A 15 14.06 -5.74 -0.70
CA GLY A 15 12.67 -6.12 -0.83
C GLY A 15 11.74 -4.97 -0.53
N PRO A 16 10.45 -5.26 -0.30
CA PRO A 16 9.49 -4.17 -0.04
C PRO A 16 9.92 -3.20 1.04
N ALA A 17 10.42 -3.68 2.19
CA ALA A 17 10.83 -2.79 3.27
C ALA A 17 12.01 -1.92 2.85
N GLY A 18 13.04 -2.54 2.26
CA GLY A 18 14.16 -1.75 1.78
C GLY A 18 13.76 -0.77 0.68
N LEU A 19 12.91 -1.21 -0.26
CA LEU A 19 12.58 -0.31 -1.37
C LEU A 19 11.81 0.92 -0.88
N TYR A 20 10.84 0.72 0.03
CA TYR A 20 10.09 1.84 0.55
C TYR A 20 10.93 2.72 1.49
N SER A 21 11.89 2.13 2.21
CA SER A 21 12.81 2.96 2.97
C SER A 21 13.58 3.91 2.06
N ALA A 22 14.17 3.37 0.97
CA ALA A 22 14.90 4.24 0.08
C ALA A 22 14.00 5.35 -0.45
N PHE A 23 12.78 5.00 -0.84
CA PHE A 23 11.86 6.02 -1.36
C PHE A 23 11.59 7.07 -0.28
N TYR A 24 11.17 6.63 0.91
CA TYR A 24 10.79 7.61 1.93
C TYR A 24 12.01 8.38 2.45
N SER A 25 13.17 7.73 2.50
CA SER A 25 14.40 8.46 2.75
C SER A 25 14.62 9.55 1.71
N GLY A 26 14.30 9.28 0.44
CA GLY A 26 14.41 10.32 -0.58
C GLY A 26 13.34 11.40 -0.45
N LEU A 27 12.12 11.02 -0.11
CA LEU A 27 11.09 12.01 0.14
C LEU A 27 11.52 13.03 1.20
N ARG A 28 12.26 12.58 2.23
CA ARG A 28 12.72 13.50 3.28
C ARG A 28 14.11 14.07 3.01
N GLU A 29 14.61 13.94 1.77
CA GLU A 29 15.79 14.66 1.30
C GLU A 29 17.08 14.22 1.99
N MET A 30 17.24 12.92 2.21
CA MET A 30 18.46 12.35 2.79
C MET A 30 19.26 11.60 1.72
N ARG A 31 20.59 11.66 1.82
CA ARG A 31 21.47 10.88 0.95
C ARG A 31 21.28 9.41 1.27
N THR A 32 20.78 8.65 0.29
CA THR A 32 20.32 7.29 0.54
C THR A 32 21.12 6.31 -0.29
N LYS A 33 21.46 5.19 0.34
CA LYS A 33 22.08 4.06 -0.31
C LYS A 33 21.24 2.84 0.00
N ILE A 34 21.16 1.90 -0.95
CA ILE A 34 20.51 0.61 -0.70
C ILE A 34 21.38 -0.51 -1.25
N ILE A 35 21.63 -1.52 -0.43
CA ILE A 35 22.54 -2.62 -0.77
C ILE A 35 21.73 -3.91 -0.79
N GLU A 36 21.83 -4.65 -1.89
CA GLU A 36 21.12 -5.91 -2.04
C GLU A 36 22.07 -7.00 -2.52
N PHE A 37 21.86 -8.21 -2.00
CA PHE A 37 22.72 -9.32 -2.37
C PHE A 37 22.53 -9.75 -3.82
N HIS A 38 21.29 -9.81 -4.27
CA HIS A 38 20.98 -10.36 -5.58
C HIS A 38 21.28 -9.37 -6.69
N PRO A 39 21.33 -9.86 -7.94
CA PRO A 39 21.43 -8.93 -9.06
C PRO A 39 20.16 -8.13 -9.29
N HIS A 40 19.07 -8.46 -8.62
CA HIS A 40 17.79 -7.85 -8.91
C HIS A 40 17.10 -7.48 -7.60
N LEU A 41 16.50 -6.29 -7.55
CA LEU A 41 15.73 -5.84 -6.41
C LEU A 41 14.41 -6.61 -6.31
N GLY A 42 13.79 -6.60 -5.12
CA GLY A 42 12.50 -7.24 -5.00
C GLY A 42 12.25 -8.19 -3.83
N GLY A 43 13.29 -8.87 -3.34
CA GLY A 43 13.13 -9.61 -2.10
C GLY A 43 12.38 -10.93 -2.27
N LYS A 44 11.62 -11.29 -1.23
CA LYS A 44 10.93 -12.59 -1.22
C LYS A 44 9.87 -12.69 -2.29
N ILE A 45 9.32 -11.57 -2.76
CA ILE A 45 8.31 -11.66 -3.82
C ILE A 45 8.84 -12.43 -5.03
N HIS A 46 10.16 -12.44 -5.27
CA HIS A 46 10.68 -13.29 -6.34
C HIS A 46 10.44 -14.78 -6.09
N VAL A 47 10.04 -15.16 -4.89
CA VAL A 47 9.73 -16.56 -4.62
C VAL A 47 8.37 -16.93 -5.17
N TYR A 48 7.52 -15.94 -5.41
CA TYR A 48 6.18 -16.19 -5.92
C TYR A 48 5.78 -15.11 -6.93
N PRO A 49 6.56 -14.88 -7.99
CA PRO A 49 6.20 -13.81 -8.96
C PRO A 49 4.98 -14.14 -9.82
N GLU A 50 4.52 -15.39 -9.82
CA GLU A 50 3.40 -15.86 -10.63
C GLU A 50 2.06 -15.76 -9.93
N LYS A 51 2.04 -15.38 -8.66
CA LYS A 51 0.82 -15.41 -7.87
C LYS A 51 0.15 -14.04 -7.87
N MET A 52 -1.16 -14.02 -7.69
CA MET A 52 -1.88 -12.77 -7.56
C MET A 52 -1.85 -12.28 -6.11
N ILE A 53 -1.62 -10.98 -5.93
CA ILE A 53 -1.48 -10.41 -4.60
C ILE A 53 -2.59 -9.39 -4.41
N TRP A 54 -3.46 -9.65 -3.43
CA TRP A 54 -4.68 -8.87 -3.21
C TRP A 54 -4.64 -7.93 -2.01
N ASP A 55 -3.71 -8.14 -1.06
CA ASP A 55 -3.78 -7.49 0.25
C ASP A 55 -2.71 -6.43 0.46
N VAL A 56 -2.17 -5.86 -0.60
CA VAL A 56 -1.39 -4.64 -0.50
C VAL A 56 -2.36 -3.48 -0.58
N GLY A 57 -2.31 -2.59 0.41
CA GLY A 57 -3.33 -1.56 0.52
C GLY A 57 -3.43 -0.70 -0.72
N GLY A 58 -4.58 -0.66 -1.37
CA GLY A 58 -4.73 0.19 -2.52
C GLY A 58 -4.39 -0.43 -3.84
N LEU A 59 -3.79 -1.62 -3.85
CA LEU A 59 -3.50 -2.34 -5.09
C LEU A 59 -4.65 -3.28 -5.47
N LEU A 60 -5.20 -3.09 -6.66
CA LEU A 60 -6.01 -4.13 -7.26
C LEU A 60 -5.14 -5.34 -7.57
N PRO A 61 -5.71 -6.54 -7.52
CA PRO A 61 -4.89 -7.76 -7.62
C PRO A 61 -3.98 -7.79 -8.82
N VAL A 62 -2.69 -7.92 -8.57
CA VAL A 62 -1.66 -7.93 -9.60
C VAL A 62 -0.69 -9.06 -9.27
N THR A 63 0.08 -9.50 -10.28
CA THR A 63 1.02 -10.58 -10.01
C THR A 63 2.22 -10.07 -9.23
N GLY A 64 2.92 -11.01 -8.59
CA GLY A 64 4.16 -10.64 -7.94
C GLY A 64 5.13 -9.97 -8.90
N ASP A 65 5.22 -10.51 -10.12
CA ASP A 65 6.06 -9.91 -11.14
C ASP A 65 5.74 -8.43 -11.32
N LYS A 66 4.46 -8.09 -11.38
CA LYS A 66 4.11 -6.70 -11.58
C LYS A 66 4.37 -5.89 -10.32
N LEU A 67 4.16 -6.48 -9.14
CA LEU A 67 4.42 -5.78 -7.89
C LEU A 67 5.89 -5.46 -7.71
N ILE A 68 6.79 -6.41 -8.01
CA ILE A 68 8.22 -6.14 -7.99
C ILE A 68 8.55 -4.94 -8.88
N GLU A 69 7.99 -4.92 -10.09
CA GLU A 69 8.15 -3.78 -10.99
C GLU A 69 7.73 -2.48 -10.30
N GLN A 70 6.51 -2.41 -9.78
CA GLN A 70 6.04 -1.17 -9.17
C GLN A 70 6.90 -0.75 -7.97
N LEU A 71 7.28 -1.69 -7.10
CA LEU A 71 8.04 -1.32 -5.91
C LEU A 71 9.43 -0.81 -6.28
N VAL A 72 10.09 -1.49 -7.22
CA VAL A 72 11.40 -1.03 -7.64
C VAL A 72 11.33 0.38 -8.22
N GLN A 73 10.32 0.65 -9.04
CA GLN A 73 10.21 2.01 -9.56
C GLN A 73 10.03 3.01 -8.42
N GLN A 74 9.15 2.70 -7.46
CA GLN A 74 8.95 3.65 -6.38
C GLN A 74 10.23 3.81 -5.55
N GLY A 75 10.92 2.70 -5.25
CA GLY A 75 12.14 2.76 -4.44
C GLY A 75 13.26 3.54 -5.11
N LEU A 76 13.23 3.70 -6.41
CA LEU A 76 14.27 4.46 -7.09
C LEU A 76 13.85 5.89 -7.42
N THR A 77 12.68 6.34 -6.94
CA THR A 77 12.17 7.65 -7.32
C THR A 77 13.20 8.75 -7.15
N PHE A 78 13.97 8.72 -6.08
CA PHE A 78 14.92 9.79 -5.82
C PHE A 78 16.35 9.36 -6.10
N LYS A 79 16.53 8.29 -6.86
CA LYS A 79 17.80 7.85 -7.42
C LYS A 79 18.80 7.61 -6.31
N PRO A 80 18.53 6.68 -5.40
CA PRO A 80 19.51 6.34 -4.39
C PRO A 80 20.71 5.65 -5.01
N GLU A 81 21.81 5.65 -4.27
CA GLU A 81 22.95 4.82 -4.62
C GLU A 81 22.58 3.36 -4.41
N VAL A 82 22.54 2.59 -5.50
CA VAL A 82 22.10 1.19 -5.50
C VAL A 82 23.34 0.30 -5.67
N VAL A 83 23.62 -0.52 -4.68
CA VAL A 83 24.74 -1.46 -4.72
C VAL A 83 24.14 -2.85 -4.76
N LEU A 84 24.07 -3.43 -5.94
CA LEU A 84 23.55 -4.78 -6.12
C LEU A 84 24.68 -5.80 -6.09
N ASP A 85 24.32 -7.09 -6.16
CA ASP A 85 25.27 -8.19 -6.20
C ASP A 85 26.26 -8.15 -5.05
N THR A 86 25.76 -7.78 -3.86
CA THR A 86 26.64 -7.45 -2.74
C THR A 86 26.07 -7.98 -1.42
N LYS A 87 26.83 -8.85 -0.75
CA LYS A 87 26.45 -9.34 0.57
C LYS A 87 27.10 -8.47 1.65
N VAL A 88 26.28 -7.86 2.48
CA VAL A 88 26.81 -7.20 3.67
C VAL A 88 27.13 -8.28 4.69
N GLU A 89 28.40 -8.33 5.13
CA GLU A 89 28.87 -9.36 6.07
C GLU A 89 28.74 -8.93 7.53
N SER A 90 28.94 -7.65 7.83
CA SER A 90 28.91 -7.18 9.20
C SER A 90 28.59 -5.69 9.25
N ILE A 91 28.13 -5.24 10.42
CA ILE A 91 27.88 -3.84 10.71
C ILE A 91 28.68 -3.47 11.94
N ILE A 92 29.42 -2.38 11.85
CA ILE A 92 30.20 -1.91 12.99
C ILE A 92 29.75 -0.50 13.34
N ARG A 93 29.67 -0.21 14.63
N ARG A 93 29.66 -0.21 14.63
CA ARG A 93 29.36 1.11 15.12
CA ARG A 93 29.34 1.13 15.09
C ARG A 93 30.67 1.83 15.43
C ARG A 93 30.63 1.84 15.44
N ASN A 94 30.90 2.94 14.74
CA ASN A 94 32.14 3.68 14.92
C ASN A 94 32.08 4.48 16.21
N GLN A 95 33.22 5.07 16.58
CA GLN A 95 33.27 5.76 17.87
C GLN A 95 32.39 6.99 17.89
N ASP A 96 32.34 7.71 16.77
CA ASP A 96 31.51 8.91 16.64
C ASP A 96 30.03 8.60 16.49
N GLY A 97 29.64 7.33 16.44
CA GLY A 97 28.24 6.98 16.34
C GLY A 97 27.77 6.65 14.93
N THR A 98 28.59 6.86 13.92
CA THR A 98 28.27 6.44 12.57
C THR A 98 28.56 4.95 12.44
N PHE A 99 28.31 4.39 11.25
CA PHE A 99 28.36 2.96 11.03
C PHE A 99 29.25 2.61 9.84
N THR A 100 29.91 1.47 9.93
CA THR A 100 30.67 0.92 8.81
C THR A 100 30.12 -0.45 8.47
N LEU A 101 29.72 -0.63 7.21
CA LEU A 101 29.17 -1.87 6.70
C LEU A 101 30.25 -2.54 5.87
N LYS A 102 30.55 -3.80 6.17
CA LYS A 102 31.61 -4.51 5.46
C LYS A 102 31.02 -5.59 4.56
N THR A 103 31.39 -5.57 3.30
CA THR A 103 30.86 -6.56 2.36
C THR A 103 31.79 -7.76 2.32
N SER A 104 31.26 -8.85 1.76
CA SER A 104 32.05 -10.08 1.65
C SER A 104 33.36 -9.89 0.89
N THR A 105 33.50 -8.78 0.15
CA THR A 105 34.77 -8.42 -0.47
C THR A 105 35.73 -7.72 0.47
N GLY A 106 35.22 -7.12 1.53
CA GLY A 106 35.99 -6.22 2.35
C GLY A 106 35.75 -4.76 2.06
N GLU A 107 35.11 -4.43 0.94
CA GLU A 107 34.75 -3.05 0.67
C GLU A 107 33.87 -2.51 1.80
N GLU A 108 33.96 -1.20 2.04
CA GLU A 108 33.31 -0.60 3.19
C GLU A 108 32.37 0.52 2.78
N HIS A 109 31.23 0.59 3.46
CA HIS A 109 30.25 1.66 3.33
C HIS A 109 30.02 2.30 4.70
N PHE A 110 29.73 3.61 4.66
CA PHE A 110 29.68 4.46 5.84
C PHE A 110 28.36 5.21 5.88
N SER A 111 27.72 5.26 7.03
CA SER A 111 26.41 5.87 7.09
C SER A 111 26.16 6.49 8.45
N LYS A 112 25.37 7.56 8.46
CA LYS A 112 24.91 8.11 9.73
C LYS A 112 23.87 7.20 10.38
N THR A 113 23.04 6.55 9.57
CA THR A 113 22.06 5.60 10.08
C THR A 113 22.06 4.37 9.20
N VAL A 114 21.66 3.22 9.78
CA VAL A 114 21.44 1.99 9.02
C VAL A 114 20.01 1.52 9.23
N ILE A 115 19.33 1.18 8.15
CA ILE A 115 18.00 0.57 8.23
C ILE A 115 18.17 -0.87 7.77
N VAL A 116 18.12 -1.81 8.72
CA VAL A 116 18.26 -3.23 8.40
C VAL A 116 16.90 -3.70 7.88
N ALA A 117 16.86 -4.09 6.62
CA ALA A 117 15.68 -4.64 5.99
C ALA A 117 16.02 -5.93 5.26
N THR A 118 16.69 -6.83 5.98
CA THR A 118 17.18 -8.07 5.42
C THR A 118 16.14 -9.19 5.41
N GLY A 119 14.90 -8.89 5.83
CA GLY A 119 13.84 -9.88 5.76
C GLY A 119 14.21 -11.13 6.52
N SER A 120 14.06 -12.28 5.88
CA SER A 120 14.48 -13.54 6.48
C SER A 120 15.86 -13.97 6.01
N GLY A 121 16.62 -13.08 5.39
CA GLY A 121 17.99 -13.31 5.08
C GLY A 121 18.25 -13.42 3.59
N ILE A 122 19.40 -13.98 3.26
CA ILE A 122 19.77 -14.20 1.87
C ILE A 122 19.25 -15.57 1.48
N LEU A 123 18.36 -15.60 0.48
CA LEU A 123 17.76 -16.83 -0.03
C LEU A 123 18.37 -17.18 -1.38
N LYS A 124 18.90 -18.40 -1.48
CA LYS A 124 19.33 -18.98 -2.74
C LYS A 124 18.61 -20.31 -2.94
N PRO A 125 18.07 -20.57 -4.12
CA PRO A 125 17.50 -21.88 -4.38
C PRO A 125 18.58 -22.96 -4.43
N GLN A 126 18.28 -24.11 -3.84
CA GLN A 126 19.22 -25.22 -3.87
C GLN A 126 19.36 -25.72 -5.30
N LYS A 127 20.58 -25.68 -5.81
CA LYS A 127 20.83 -25.92 -7.23
C LYS A 127 20.78 -27.42 -7.53
N LEU A 128 20.53 -27.72 -8.80
CA LEU A 128 20.63 -29.10 -9.27
C LEU A 128 22.10 -29.49 -9.28
N SER A 129 22.44 -30.55 -8.56
CA SER A 129 23.83 -31.03 -8.52
C SER A 129 24.13 -31.98 -9.69
N ILE A 130 23.83 -31.50 -10.90
CA ILE A 130 24.16 -32.19 -12.14
C ILE A 130 25.23 -31.37 -12.85
N GLU A 131 26.22 -32.05 -13.42
CA GLU A 131 27.38 -31.39 -14.00
C GLU A 131 26.98 -30.37 -15.06
N GLY A 132 27.34 -29.11 -14.82
CA GLY A 132 27.11 -28.05 -15.79
C GLY A 132 25.66 -27.82 -16.10
N ALA A 133 24.78 -27.97 -15.11
CA ALA A 133 23.37 -27.70 -15.32
C ALA A 133 23.08 -26.22 -15.43
N GLU A 134 23.99 -25.37 -14.90
CA GLU A 134 23.77 -23.93 -14.92
C GLU A 134 23.77 -23.35 -16.33
N ARG A 135 24.29 -24.08 -17.31
CA ARG A 135 24.22 -23.63 -18.70
C ARG A 135 22.79 -23.39 -19.13
N PHE A 136 21.86 -24.16 -18.59
CA PHE A 136 20.48 -24.15 -19.02
C PHE A 136 19.61 -23.21 -18.20
N GLU A 137 20.20 -22.51 -17.21
CA GLU A 137 19.43 -21.55 -16.42
C GLU A 137 18.90 -20.42 -17.30
N VAL A 138 19.71 -19.98 -18.26
CA VAL A 138 19.31 -18.88 -19.15
C VAL A 138 18.31 -19.31 -20.21
N SER A 139 17.97 -20.60 -20.30
CA SER A 139 17.06 -21.07 -21.32
C SER A 139 15.80 -21.58 -20.66
N ASN A 140 15.72 -22.87 -20.29
CA ASN A 140 14.46 -23.48 -19.85
C ASN A 140 14.61 -24.27 -18.56
N LEU A 141 15.64 -24.01 -17.77
CA LEU A 141 15.80 -24.62 -16.45
C LEU A 141 15.56 -23.55 -15.40
N ASN A 142 14.41 -23.60 -14.74
CA ASN A 142 14.00 -22.60 -13.77
C ASN A 142 13.96 -23.18 -12.37
N TYR A 143 14.11 -22.29 -11.39
CA TYR A 143 13.94 -22.63 -9.99
C TYR A 143 12.75 -21.92 -9.39
N THR A 144 12.07 -21.09 -10.17
CA THR A 144 10.78 -20.49 -9.80
C THR A 144 9.86 -20.51 -11.01
N VAL A 145 8.57 -20.42 -10.72
CA VAL A 145 7.56 -20.20 -11.75
C VAL A 145 7.48 -18.70 -12.01
N LYS A 146 8.22 -18.20 -13.00
CA LYS A 146 8.28 -16.74 -13.19
C LYS A 146 6.93 -16.18 -13.64
N SER A 147 6.15 -16.95 -14.38
CA SER A 147 4.82 -16.51 -14.79
C SER A 147 4.08 -17.72 -15.31
N LEU A 148 2.76 -17.74 -15.10
CA LEU A 148 1.95 -18.84 -15.59
C LEU A 148 1.93 -18.89 -17.12
N LYS A 149 1.95 -17.72 -17.77
CA LYS A 149 1.85 -17.69 -19.23
C LYS A 149 3.05 -18.36 -19.90
N ARG A 150 4.22 -18.31 -19.25
CA ARG A 150 5.42 -18.98 -19.74
C ARG A 150 5.18 -20.47 -19.99
N PHE A 151 4.25 -21.07 -19.26
CA PHE A 151 4.05 -22.51 -19.26
C PHE A 151 2.77 -22.95 -19.96
N LYS A 152 2.03 -22.02 -20.57
CA LYS A 152 0.79 -22.35 -21.24
C LYS A 152 1.02 -23.34 -22.39
N GLY A 153 0.30 -24.45 -22.35
CA GLY A 153 0.38 -25.46 -23.40
C GLY A 153 1.73 -26.14 -23.51
N LYS A 154 2.55 -26.09 -22.46
CA LYS A 154 3.88 -26.66 -22.47
C LYS A 154 3.94 -27.88 -21.58
N THR A 155 4.98 -28.69 -21.77
CA THR A 155 5.22 -29.90 -20.99
C THR A 155 6.40 -29.68 -20.06
N VAL A 156 6.16 -29.75 -18.77
CA VAL A 156 7.14 -29.37 -17.76
C VAL A 156 7.37 -30.56 -16.83
N ILE A 157 8.62 -30.76 -16.43
CA ILE A 157 8.97 -31.69 -15.38
C ILE A 157 9.41 -30.87 -14.16
N ILE A 158 8.88 -31.21 -12.99
CA ILE A 158 9.18 -30.54 -11.73
C ILE A 158 9.91 -31.53 -10.83
N SER A 159 11.11 -31.16 -10.39
CA SER A 159 11.95 -32.02 -9.56
C SER A 159 11.79 -31.68 -8.08
N GLY A 160 11.72 -32.69 -7.24
CA GLY A 160 11.43 -32.52 -5.84
C GLY A 160 9.95 -32.60 -5.57
N GLY A 161 9.61 -32.99 -4.35
CA GLY A 161 8.21 -33.21 -4.02
C GLY A 161 7.76 -32.52 -2.76
N GLY A 162 8.50 -31.49 -2.32
CA GLY A 162 8.15 -30.75 -1.13
C GLY A 162 6.82 -30.03 -1.25
N ASN A 163 6.39 -29.40 -0.15
CA ASN A 163 5.12 -28.66 -0.16
C ASN A 163 5.12 -27.56 -1.21
N SER A 164 6.29 -27.02 -1.57
CA SER A 164 6.31 -26.00 -2.62
C SER A 164 6.33 -26.62 -4.00
N ALA A 165 6.70 -27.89 -4.13
CA ALA A 165 6.57 -28.57 -5.40
C ALA A 165 5.10 -28.75 -5.74
N VAL A 166 4.32 -29.29 -4.79
CA VAL A 166 2.90 -29.58 -5.00
C VAL A 166 2.12 -28.32 -5.36
N ASP A 167 2.50 -27.17 -4.79
CA ASP A 167 1.75 -25.94 -5.04
C ASP A 167 1.92 -25.48 -6.48
N TRP A 168 3.13 -25.63 -7.03
CA TRP A 168 3.38 -25.24 -8.41
C TRP A 168 2.59 -26.10 -9.40
N ALA A 169 2.68 -27.42 -9.25
CA ALA A 169 1.97 -28.29 -10.17
C ALA A 169 0.47 -28.00 -10.17
N ASN A 170 -0.11 -27.72 -9.00
CA ASN A 170 -1.55 -27.50 -8.89
C ASN A 170 -1.98 -26.23 -9.64
N GLU A 171 -1.09 -25.24 -9.77
CA GLU A 171 -1.42 -24.03 -10.52
C GLU A 171 -1.01 -24.12 -11.99
N LEU A 172 -0.19 -25.11 -12.35
CA LEU A 172 0.13 -25.37 -13.74
C LEU A 172 -0.76 -26.45 -14.37
N GLU A 173 -1.41 -27.29 -13.56
CA GLU A 173 -2.33 -28.28 -14.11
C GLU A 173 -3.34 -27.71 -15.09
N PRO A 174 -4.09 -26.64 -14.78
CA PRO A 174 -5.06 -26.15 -15.75
C PRO A 174 -4.48 -25.26 -16.81
N ILE A 175 -3.15 -25.08 -16.84
CA ILE A 175 -2.50 -24.21 -17.79
C ILE A 175 -1.59 -24.99 -18.73
N ALA A 176 -0.81 -25.92 -18.19
CA ALA A 176 0.15 -26.63 -19.03
C ALA A 176 -0.54 -27.72 -19.85
N LYS A 177 0.15 -28.15 -20.91
CA LYS A 177 -0.36 -29.27 -21.68
C LYS A 177 -0.27 -30.57 -20.88
N LYS A 178 0.82 -30.75 -20.15
CA LYS A 178 1.05 -31.91 -19.31
C LYS A 178 2.05 -31.51 -18.24
N VAL A 179 1.90 -32.04 -17.03
CA VAL A 179 2.80 -31.75 -15.92
C VAL A 179 3.30 -33.06 -15.34
N TYR A 180 4.63 -33.21 -15.30
CA TYR A 180 5.26 -34.32 -14.61
C TYR A 180 5.87 -33.85 -13.30
N VAL A 181 5.88 -34.73 -12.30
CA VAL A 181 6.48 -34.45 -10.99
C VAL A 181 7.33 -35.66 -10.61
N THR A 182 8.58 -35.42 -10.26
CA THR A 182 9.49 -36.49 -9.87
C THR A 182 10.00 -36.24 -8.45
N TYR A 183 9.77 -37.20 -7.56
CA TYR A 183 10.21 -37.11 -6.18
C TYR A 183 11.13 -38.28 -5.86
N ARG A 184 12.18 -38.00 -5.08
CA ARG A 184 13.20 -38.98 -4.73
C ARG A 184 12.80 -39.88 -3.56
N LYS A 185 11.75 -39.54 -2.81
CA LYS A 185 11.32 -40.39 -1.71
C LYS A 185 10.19 -41.29 -2.19
N GLU A 186 9.42 -41.85 -1.26
CA GLU A 186 8.33 -42.76 -1.61
C GLU A 186 7.00 -42.03 -1.73
N GLU A 187 6.68 -41.19 -0.75
CA GLU A 187 5.44 -40.44 -0.72
C GLU A 187 5.74 -38.95 -0.92
N LEU A 188 4.89 -38.26 -1.68
CA LEU A 188 5.05 -36.83 -1.90
C LEU A 188 4.92 -36.04 -0.61
N SER A 189 6.04 -35.50 -0.12
CA SER A 189 6.12 -34.91 1.22
C SER A 189 5.44 -33.54 1.31
N GLY A 190 4.23 -33.42 0.77
CA GLY A 190 3.36 -32.30 1.07
C GLY A 190 2.40 -32.63 2.18
N HIS A 191 1.38 -31.78 2.32
CA HIS A 191 0.27 -32.07 3.23
C HIS A 191 -0.86 -32.71 2.44
N GLU A 192 -1.54 -33.67 3.06
CA GLU A 192 -2.49 -34.51 2.34
C GLU A 192 -3.67 -33.73 1.76
N ALA A 193 -3.81 -32.44 2.07
CA ALA A 193 -4.90 -31.64 1.49
C ALA A 193 -4.70 -31.45 -0.01
N GLN A 194 -3.55 -30.92 -0.43
CA GLN A 194 -3.32 -30.62 -1.84
C GLN A 194 -2.60 -31.74 -2.58
N VAL A 195 -2.05 -32.74 -1.88
CA VAL A 195 -1.40 -33.86 -2.55
C VAL A 195 -2.45 -34.79 -3.16
N LYS A 196 -3.65 -34.85 -2.57
CA LYS A 196 -4.73 -35.64 -3.16
C LYS A 196 -5.31 -34.98 -4.40
N GLN A 197 -5.32 -33.64 -4.44
CA GLN A 197 -5.71 -32.93 -5.66
C GLN A 197 -4.69 -33.12 -6.78
N LEU A 198 -3.41 -33.26 -6.41
CA LEU A 198 -2.36 -33.46 -7.40
C LEU A 198 -2.57 -34.75 -8.20
N MET A 199 -2.98 -35.84 -7.53
CA MET A 199 -3.08 -37.15 -8.15
C MET A 199 -4.41 -37.38 -8.89
N ASN A 200 -5.45 -36.62 -8.57
CA ASN A 200 -6.75 -36.78 -9.21
C ASN A 200 -6.84 -36.10 -10.57
N SER A 201 -5.80 -35.38 -10.97
CA SER A 201 -5.79 -34.59 -12.18
C SER A 201 -4.76 -35.16 -13.16
N SER A 202 -4.45 -34.37 -14.20
CA SER A 202 -3.62 -34.82 -15.30
C SER A 202 -2.13 -34.65 -15.00
N ALA A 203 -1.74 -34.73 -13.74
CA ALA A 203 -0.34 -34.67 -13.35
C ALA A 203 0.16 -36.08 -13.09
N GLU A 204 1.28 -36.43 -13.74
CA GLU A 204 1.87 -37.76 -13.63
C GLU A 204 3.10 -37.70 -12.73
N CYS A 205 3.08 -38.46 -11.64
CA CYS A 205 4.15 -38.46 -10.65
C CYS A 205 5.05 -39.67 -10.85
N PHE A 206 6.36 -39.47 -10.62
CA PHE A 206 7.35 -40.53 -10.59
C PHE A 206 8.00 -40.53 -9.21
N PHE A 207 7.89 -41.65 -8.50
CA PHE A 207 8.42 -41.75 -7.14
C PHE A 207 9.73 -42.51 -7.13
N ASN A 208 10.57 -42.20 -6.15
CA ASN A 208 11.93 -42.72 -6.06
C ASN A 208 12.73 -42.38 -7.32
N THR A 209 12.49 -41.21 -7.90
CA THR A 209 13.13 -40.81 -9.14
C THR A 209 13.82 -39.46 -8.95
N SER A 210 14.88 -39.23 -9.73
CA SER A 210 15.57 -37.96 -9.76
C SER A 210 16.24 -37.81 -11.13
N ILE A 211 16.48 -36.57 -11.52
CA ILE A 211 17.13 -36.28 -12.79
C ILE A 211 18.62 -36.56 -12.66
N THR A 212 19.17 -37.31 -13.61
CA THR A 212 20.58 -37.65 -13.56
C THR A 212 21.40 -37.11 -14.71
N LYS A 213 20.78 -36.61 -15.78
CA LYS A 213 21.51 -35.86 -16.79
C LYS A 213 20.51 -35.03 -17.59
N LEU A 214 20.88 -33.79 -17.90
CA LEU A 214 20.08 -32.89 -18.73
C LEU A 214 20.59 -32.97 -20.16
N ILE A 215 19.70 -33.28 -21.09
CA ILE A 215 20.05 -33.52 -22.49
C ILE A 215 19.56 -32.33 -23.30
N ALA A 216 20.50 -31.57 -23.85
CA ALA A 216 20.22 -30.37 -24.64
C ALA A 216 19.76 -30.72 -26.06
N GLY A 217 19.28 -29.69 -26.75
CA GLY A 217 18.99 -29.84 -28.17
C GLY A 217 20.24 -29.75 -29.03
N ASP A 218 20.22 -30.45 -30.16
CA ASP A 218 21.33 -30.34 -31.11
C ASP A 218 21.33 -28.99 -31.83
N ASN A 219 20.18 -28.33 -31.94
CA ASN A 219 20.07 -27.05 -32.62
C ASN A 219 20.07 -25.84 -31.69
N HIS A 220 19.56 -26.00 -30.47
CA HIS A 220 19.62 -24.95 -29.46
C HIS A 220 20.53 -25.44 -28.34
N GLU A 221 20.52 -24.74 -27.21
CA GLU A 221 21.19 -25.27 -26.03
C GLU A 221 20.25 -25.33 -24.83
N ALA A 222 18.93 -25.25 -25.07
CA ALA A 222 17.96 -25.51 -24.04
C ALA A 222 17.85 -27.01 -23.80
N ILE A 223 17.22 -27.38 -22.69
CA ILE A 223 17.00 -28.79 -22.38
C ILE A 223 15.82 -29.29 -23.20
N GLU A 224 16.07 -30.28 -24.07
CA GLU A 224 15.04 -30.88 -24.92
C GLU A 224 14.55 -32.21 -24.39
N TYR A 225 15.45 -32.98 -23.78
CA TYR A 225 15.11 -34.24 -23.13
C TYR A 225 15.76 -34.26 -21.74
N VAL A 226 15.19 -35.06 -20.85
CA VAL A 226 15.66 -35.20 -19.48
C VAL A 226 15.76 -36.69 -19.15
N GLU A 227 16.82 -37.07 -18.45
CA GLU A 227 17.05 -38.45 -18.07
C GLU A 227 16.56 -38.71 -16.65
N LEU A 228 15.73 -39.74 -16.50
CA LEU A 228 15.18 -40.10 -15.19
C LEU A 228 15.71 -41.47 -14.77
N THR A 229 15.73 -41.70 -13.45
CA THR A 229 16.26 -42.93 -12.88
C THR A 229 15.45 -43.35 -11.65
N ASN A 230 15.01 -44.60 -11.63
CA ASN A 230 14.27 -45.14 -10.49
C ASN A 230 15.26 -45.60 -9.42
N HIS A 231 15.05 -45.16 -8.18
CA HIS A 231 15.98 -45.46 -7.09
C HIS A 231 15.74 -46.82 -6.47
N GLU A 232 14.66 -47.50 -6.84
CA GLU A 232 14.40 -48.83 -6.32
C GLU A 232 14.40 -49.91 -7.39
N THR A 233 13.99 -49.60 -8.63
CA THR A 233 14.08 -50.57 -9.73
C THR A 233 15.43 -50.39 -10.41
N GLY A 234 15.63 -49.25 -11.06
CA GLY A 234 16.91 -48.92 -11.65
C GLY A 234 16.78 -48.36 -13.04
N GLU A 235 15.54 -48.32 -13.54
CA GLU A 235 15.29 -47.92 -14.92
C GLU A 235 15.84 -46.54 -15.21
N VAL A 236 16.31 -46.35 -16.44
CA VAL A 236 16.79 -45.05 -16.92
C VAL A 236 16.00 -44.75 -18.18
N SER A 237 14.95 -43.95 -18.04
CA SER A 237 14.10 -43.53 -19.12
C SER A 237 14.46 -42.11 -19.56
N HIS A 238 13.90 -41.70 -20.69
CA HIS A 238 14.09 -40.37 -21.24
C HIS A 238 12.72 -39.71 -21.44
N LEU A 239 12.69 -38.39 -21.33
CA LEU A 239 11.44 -37.66 -21.38
C LEU A 239 11.59 -36.33 -22.10
N PRO A 240 10.76 -36.04 -23.10
CA PRO A 240 10.82 -34.72 -23.76
C PRO A 240 10.05 -33.70 -22.94
N ILE A 241 10.66 -32.54 -22.72
CA ILE A 241 10.04 -31.49 -21.92
C ILE A 241 10.36 -30.14 -22.54
N ASP A 242 9.48 -29.17 -22.27
CA ASP A 242 9.70 -27.80 -22.68
C ASP A 242 10.34 -26.96 -21.59
N GLU A 243 10.04 -27.26 -20.34
CA GLU A 243 10.51 -26.47 -19.22
C GLU A 243 10.92 -27.41 -18.10
N VAL A 244 11.97 -27.05 -17.36
CA VAL A 244 12.38 -27.79 -16.17
C VAL A 244 12.28 -26.83 -15.00
N ILE A 245 11.66 -27.29 -13.92
CA ILE A 245 11.53 -26.50 -12.71
C ILE A 245 12.07 -27.32 -11.55
N ILE A 246 13.11 -26.80 -10.88
CA ILE A 246 13.71 -27.45 -9.72
C ILE A 246 13.14 -26.85 -8.46
N ASN A 247 12.68 -27.70 -7.54
CA ASN A 247 12.28 -27.27 -6.22
C ASN A 247 12.88 -28.26 -5.23
N HIS A 248 14.14 -28.03 -4.88
CA HIS A 248 14.83 -28.83 -3.88
C HIS A 248 15.01 -28.04 -2.59
N GLY A 249 14.27 -26.96 -2.44
CA GLY A 249 14.39 -26.13 -1.26
C GLY A 249 15.29 -24.95 -1.48
N TYR A 250 15.57 -24.26 -0.37
CA TYR A 250 16.36 -23.05 -0.40
C TYR A 250 17.46 -23.15 0.65
N GLU A 251 18.55 -22.47 0.39
CA GLU A 251 19.58 -22.22 1.37
C GLU A 251 19.37 -20.83 1.95
N ARG A 252 19.56 -20.68 3.26
CA ARG A 252 19.41 -19.41 3.91
C ARG A 252 20.78 -18.94 4.37
N ASP A 253 20.99 -17.64 4.36
CA ASP A 253 22.14 -17.02 5.00
C ASP A 253 21.62 -15.89 5.87
N ILE A 254 21.77 -16.06 7.20
CA ILE A 254 21.30 -15.10 8.19
C ILE A 254 22.44 -14.62 9.10
N THR A 255 23.69 -14.84 8.69
CA THR A 255 24.84 -14.58 9.55
C THR A 255 25.11 -13.09 9.77
N LEU A 256 24.32 -12.18 9.21
CA LEU A 256 24.65 -10.76 9.30
C LEU A 256 24.84 -10.32 10.75
N LEU A 257 23.88 -10.60 11.61
CA LEU A 257 23.90 -10.02 12.96
C LEU A 257 24.77 -10.82 13.94
N GLU A 258 25.05 -12.10 13.66
CA GLU A 258 26.03 -12.82 14.48
C GLU A 258 27.44 -12.31 14.22
N ASN A 259 27.76 -12.07 12.94
CA ASN A 259 29.07 -11.58 12.51
C ASN A 259 29.33 -10.15 12.89
N SER A 260 28.33 -9.43 13.37
CA SER A 260 28.51 -8.04 13.77
C SER A 260 28.85 -7.98 15.25
N GLU A 261 29.84 -7.15 15.57
CA GLU A 261 30.09 -6.71 16.94
C GLU A 261 29.24 -5.46 17.14
N LEU A 262 27.98 -5.72 17.48
CA LEU A 262 26.99 -4.69 17.67
C LEU A 262 26.13 -5.12 18.84
N ASP A 263 25.91 -4.22 19.79
CA ASP A 263 25.04 -4.53 20.93
C ASP A 263 23.58 -4.37 20.54
N VAL A 264 23.17 -5.13 19.54
CA VAL A 264 21.79 -5.12 19.07
C VAL A 264 21.02 -6.29 19.70
N ALA A 265 19.83 -6.00 20.21
CA ALA A 265 19.00 -7.00 20.82
C ALA A 265 18.30 -7.84 19.75
N ILE A 266 18.43 -9.16 19.86
CA ILE A 266 17.91 -10.11 18.89
C ILE A 266 16.89 -11.01 19.57
N ILE A 267 15.70 -11.13 18.95
CA ILE A 267 14.67 -12.04 19.43
C ILE A 267 14.80 -13.36 18.70
N ASP A 268 14.77 -14.47 19.45
CA ASP A 268 14.71 -15.82 18.88
C ASP A 268 15.86 -16.08 17.91
N ASN A 269 17.02 -15.49 18.19
CA ASN A 269 18.26 -15.70 17.48
C ASN A 269 18.21 -15.22 16.05
N TYR A 270 17.18 -14.49 15.64
CA TYR A 270 17.19 -13.90 14.31
C TYR A 270 16.65 -12.47 14.23
N TYR A 271 15.42 -12.23 14.70
CA TYR A 271 14.75 -10.97 14.45
C TYR A 271 15.38 -9.84 15.25
N ILE A 272 15.26 -8.63 14.75
CA ILE A 272 15.72 -7.47 15.51
C ILE A 272 14.59 -7.07 16.45
N ALA A 273 14.90 -7.01 17.73
CA ALA A 273 13.93 -6.64 18.74
C ALA A 273 13.72 -5.12 18.70
N GLY A 274 12.58 -4.69 18.16
CA GLY A 274 12.33 -3.28 17.95
C GLY A 274 11.15 -2.79 18.76
N ASN A 275 10.89 -1.50 18.62
CA ASN A 275 9.70 -0.88 19.19
C ASN A 275 8.75 -0.50 18.06
N ALA A 276 7.63 0.12 18.42
CA ALA A 276 6.61 0.40 17.42
C ALA A 276 7.06 1.44 16.43
N ASN A 277 8.23 2.04 16.64
CA ASN A 277 8.77 3.03 15.73
C ASN A 277 9.95 2.53 14.92
N SER A 278 10.18 1.21 14.91
CA SER A 278 11.23 0.53 14.15
C SER A 278 12.62 0.78 14.69
N GLU A 279 12.74 1.30 15.92
CA GLU A 279 14.02 1.50 16.58
C GLU A 279 14.53 0.17 17.18
N SER A 280 15.79 -0.14 16.95
CA SER A 280 16.51 -1.25 17.59
C SER A 280 17.08 -0.74 18.88
N SER A 281 17.84 -1.56 19.60
CA SER A 281 18.43 -1.10 20.85
C SER A 281 19.69 -0.27 20.66
N VAL A 282 20.16 -0.10 19.41
CA VAL A 282 21.34 0.70 19.10
C VAL A 282 20.84 1.96 18.39
N ASP A 283 21.32 3.12 18.84
CA ASP A 283 20.86 4.39 18.31
C ASP A 283 21.24 4.53 16.85
N GLY A 284 20.30 5.00 16.04
CA GLY A 284 20.57 5.23 14.64
C GLY A 284 20.56 3.97 13.78
N LEU A 285 20.27 2.83 14.39
CA LEU A 285 20.14 1.56 13.70
C LEU A 285 18.67 1.15 13.77
N TYR A 286 18.01 1.07 12.61
CA TYR A 286 16.57 0.79 12.55
C TYR A 286 16.35 -0.52 11.84
N ALA A 287 15.17 -1.09 12.05
CA ALA A 287 14.83 -2.33 11.39
C ALA A 287 13.45 -2.20 10.75
N ALA A 288 13.27 -2.72 9.55
CA ALA A 288 11.97 -2.65 8.90
C ALA A 288 11.67 -3.91 8.11
N GLY A 289 10.43 -4.37 8.18
CA GLY A 289 10.04 -5.51 7.38
C GLY A 289 10.10 -6.79 8.19
N ASP A 290 10.34 -7.92 7.53
CA ASP A 290 10.24 -9.18 8.24
C ASP A 290 11.29 -9.35 9.32
N ILE A 291 12.37 -8.57 9.28
CA ILE A 291 13.41 -8.64 10.30
C ILE A 291 12.98 -7.95 11.59
N LEU A 292 12.01 -7.04 11.52
CA LEU A 292 11.54 -6.31 12.69
C LEU A 292 10.49 -7.10 13.46
N LYS A 293 10.71 -7.26 14.75
CA LYS A 293 9.75 -7.93 15.61
C LYS A 293 9.40 -7.00 16.76
N HIS A 294 8.10 -6.76 16.95
CA HIS A 294 7.56 -6.06 18.11
C HIS A 294 6.08 -6.40 18.16
N GLU A 295 5.44 -6.05 19.27
CA GLU A 295 4.08 -6.54 19.56
C GLU A 295 3.07 -6.14 18.50
N GLY A 296 3.30 -5.08 17.72
CA GLY A 296 2.35 -4.69 16.70
C GLY A 296 2.81 -4.89 15.26
N LYS A 297 3.88 -5.64 15.04
CA LYS A 297 4.37 -5.91 13.70
C LYS A 297 3.34 -6.70 12.89
N LEU A 298 3.02 -6.18 11.72
CA LEU A 298 2.05 -6.78 10.83
C LEU A 298 2.83 -7.54 9.75
N HIS A 299 2.60 -8.84 9.66
CA HIS A 299 3.37 -9.72 8.80
C HIS A 299 2.85 -9.69 7.37
N LEU A 300 2.79 -8.51 6.80
CA LEU A 300 2.29 -8.29 5.46
C LEU A 300 3.23 -7.33 4.77
N ILE A 301 3.21 -7.35 3.42
CA ILE A 301 3.89 -6.28 2.69
C ILE A 301 3.39 -4.94 3.19
N ALA A 302 2.08 -4.84 3.46
CA ALA A 302 1.55 -3.61 4.01
C ALA A 302 2.29 -3.18 5.27
N GLY A 303 2.67 -4.12 6.13
CA GLY A 303 3.42 -3.78 7.34
C GLY A 303 4.84 -3.34 7.06
N ALA A 304 5.44 -3.88 6.00
CA ALA A 304 6.77 -3.40 5.63
C ALA A 304 6.77 -1.90 5.39
N PHE A 305 5.71 -1.36 4.76
CA PHE A 305 5.67 0.07 4.47
C PHE A 305 5.62 0.89 5.76
N GLN A 306 4.81 0.45 6.73
CA GLN A 306 4.74 1.18 7.98
C GLN A 306 6.08 1.14 8.71
N ASP A 307 6.70 -0.05 8.78
CA ASP A 307 8.01 -0.15 9.41
C ASP A 307 8.98 0.80 8.75
N ALA A 308 8.99 0.79 7.41
CA ALA A 308 9.94 1.59 6.65
C ALA A 308 9.72 3.07 6.92
N GLY A 309 8.48 3.54 6.77
CA GLY A 309 8.18 4.94 7.03
C GLY A 309 8.57 5.37 8.43
N ASN A 310 8.21 4.56 9.44
CA ASN A 310 8.54 4.90 10.83
C ASN A 310 10.05 4.95 11.05
N ALA A 311 10.78 3.98 10.48
CA ALA A 311 12.23 3.99 10.57
C ALA A 311 12.81 5.25 9.96
N VAL A 312 12.39 5.59 8.73
CA VAL A 312 12.97 6.74 8.06
C VAL A 312 12.69 8.02 8.85
N ASN A 313 11.46 8.16 9.33
CA ASN A 313 11.15 9.36 10.11
C ASN A 313 12.03 9.46 11.36
N LYS A 314 12.38 8.33 11.96
CA LYS A 314 13.30 8.37 13.09
C LYS A 314 14.71 8.72 12.66
N ALA A 315 15.18 8.17 11.53
CA ALA A 315 16.51 8.50 11.06
C ALA A 315 16.66 9.99 10.77
N LYS A 316 15.65 10.60 10.13
CA LYS A 316 15.72 12.02 9.82
C LYS A 316 15.88 12.86 11.10
N GLN A 317 15.18 12.51 12.15
CA GLN A 317 15.35 13.25 13.41
C GLN A 317 16.63 12.85 14.14
N PHE A 318 17.17 11.67 13.90
CA PHE A 318 18.48 11.33 14.46
C PHE A 318 19.58 12.16 13.80
N ILE A 319 19.44 12.41 12.51
CA ILE A 319 20.42 13.17 11.74
C ILE A 319 20.14 14.66 11.81
N GLN A 320 18.90 15.09 11.96
CA GLN A 320 18.56 16.50 12.01
C GLN A 320 17.54 16.69 13.10
N PRO A 321 17.99 16.88 14.34
CA PRO A 321 17.06 16.97 15.48
C PRO A 321 15.90 17.92 15.29
N ASP A 322 16.10 19.07 14.62
CA ASP A 322 15.02 20.04 14.45
C ASP A 322 14.12 19.75 13.24
N ALA A 323 14.37 18.67 12.49
CA ALA A 323 13.47 18.27 11.42
C ALA A 323 12.13 17.87 12.02
N SER A 324 11.09 17.98 11.21
CA SER A 324 9.78 17.56 11.67
C SER A 324 9.79 16.05 11.86
N GLU A 325 8.93 15.56 12.74
CA GLU A 325 8.89 14.12 12.99
C GLU A 325 8.06 13.37 11.96
N TYR A 326 7.23 14.07 11.19
N TYR A 326 7.22 14.07 11.21
CA TYR A 326 6.50 13.44 10.09
CA TYR A 326 6.47 13.51 10.10
C TYR A 326 6.93 14.06 8.77
C TYR A 326 7.04 14.06 8.79
N GLY A 327 7.10 13.21 7.77
CA GLY A 327 7.40 13.68 6.43
C GLY A 327 6.17 14.32 5.81
N MET A 328 6.39 15.34 4.98
CA MET A 328 5.29 16.05 4.36
C MET A 328 4.56 15.18 3.34
N HIS A 329 3.22 15.11 3.46
CA HIS A 329 2.38 14.33 2.53
C HIS A 329 2.74 14.62 1.07
N SER A 330 2.81 13.54 0.28
CA SER A 330 3.28 13.64 -1.11
C SER A 330 2.39 14.55 -1.96
N SER A 331 1.07 14.54 -1.71
CA SER A 331 0.14 15.31 -2.51
C SER A 331 0.43 16.81 -2.50
N HIS A 332 1.18 17.30 -1.52
CA HIS A 332 1.46 18.73 -1.40
C HIS A 332 2.95 19.00 -1.20
N ASN A 333 3.81 18.00 -1.40
CA ASN A 333 5.24 18.10 -1.11
C ASN A 333 5.99 18.62 -2.33
N GLU A 334 6.52 19.84 -2.21
CA GLU A 334 7.20 20.51 -3.33
C GLU A 334 8.32 19.67 -3.92
N VAL A 335 8.83 18.68 -3.18
CA VAL A 335 9.86 17.77 -3.67
C VAL A 335 9.41 17.05 -4.93
N PHE A 336 8.09 16.96 -5.18
CA PHE A 336 7.54 16.31 -6.36
C PHE A 336 7.15 17.28 -7.46
N LYS A 337 7.44 18.58 -7.31
CA LYS A 337 6.96 19.61 -8.24
C LYS A 337 7.33 19.28 -9.67
N LYS A 338 8.62 19.07 -9.93
CA LYS A 338 9.11 18.85 -11.31
C LYS A 338 8.54 17.56 -11.90
N ARG A 339 8.54 16.47 -11.12
CA ARG A 339 7.98 15.22 -11.61
C ARG A 339 6.49 15.36 -11.92
N ASN A 340 5.73 16.01 -11.03
CA ASN A 340 4.30 16.21 -11.29
C ASN A 340 4.08 17.05 -12.55
N ARG A 341 4.94 18.06 -12.76
CA ARG A 341 4.87 18.91 -13.94
C ARG A 341 4.83 18.07 -15.22
N GLU A 342 5.70 17.08 -15.29
CA GLU A 342 5.78 16.25 -16.50
C GLU A 342 4.55 15.35 -16.60
N LEU A 343 4.11 14.76 -15.46
CA LEU A 343 2.94 13.87 -15.43
C LEU A 343 1.66 14.59 -15.83
N ILE A 344 1.46 15.82 -15.33
CA ILE A 344 0.26 16.58 -15.66
C ILE A 344 0.27 16.95 -17.14
N LYS A 345 1.44 17.27 -17.68
CA LYS A 345 1.51 17.58 -19.09
C LYS A 345 1.11 16.39 -19.96
N GLN A 346 1.38 15.17 -19.49
CA GLN A 346 0.92 14.00 -20.23
C GLN A 346 -0.56 13.72 -20.00
N MET A 347 -1.10 14.08 -18.81
CA MET A 347 -2.52 13.86 -18.49
C MET A 347 -3.44 14.75 -19.31
N MET A 348 -2.97 15.91 -19.77
CA MET A 348 -3.82 16.79 -20.57
C MET A 348 -3.81 16.40 -22.04
N LYS A 349 -3.56 15.12 -22.34
CA LYS A 349 -3.21 14.64 -23.68
C LYS A 349 -1.80 15.16 -24.01
N GLU B 4 -29.38 -13.58 15.06
CA GLU B 4 -29.84 -12.22 14.81
C GLU B 4 -29.14 -11.66 13.56
N GLU B 5 -29.30 -10.35 13.34
CA GLU B 5 -28.54 -9.57 12.36
C GLU B 5 -27.25 -9.08 12.99
N LEU B 6 -26.57 -9.98 13.67
CA LEU B 6 -25.40 -9.66 14.47
C LEU B 6 -24.13 -9.86 13.65
N PHE B 7 -23.50 -8.76 13.26
CA PHE B 7 -22.31 -8.81 12.43
C PHE B 7 -21.07 -9.15 13.25
N ASP B 8 -20.07 -9.70 12.56
CA ASP B 8 -18.79 -9.93 13.23
C ASP B 8 -18.00 -8.63 13.42
N VAL B 9 -17.88 -7.83 12.35
CA VAL B 9 -17.10 -6.60 12.36
C VAL B 9 -17.91 -5.51 11.68
N THR B 10 -18.16 -4.42 12.39
CA THR B 10 -18.78 -3.24 11.78
C THR B 10 -17.76 -2.12 11.77
N VAL B 11 -17.57 -1.52 10.60
CA VAL B 11 -16.58 -0.48 10.40
C VAL B 11 -17.32 0.85 10.33
N ILE B 12 -16.99 1.78 11.21
CA ILE B 12 -17.54 3.13 11.10
C ILE B 12 -16.54 3.94 10.30
N GLY B 13 -16.92 4.34 9.08
CA GLY B 13 -16.14 5.22 8.22
C GLY B 13 -15.65 4.52 6.95
N GLY B 14 -15.75 5.22 5.83
CA GLY B 14 -15.42 4.63 4.54
C GLY B 14 -14.20 5.19 3.81
N GLY B 15 -13.22 5.75 4.53
CA GLY B 15 -11.97 6.16 3.93
C GLY B 15 -11.01 5.00 3.83
N PRO B 16 -9.72 5.29 3.61
CA PRO B 16 -8.71 4.21 3.47
C PRO B 16 -8.70 3.22 4.64
N ALA B 17 -8.74 3.69 5.88
CA ALA B 17 -8.72 2.77 7.03
C ALA B 17 -9.97 1.89 7.06
N GLY B 18 -11.15 2.50 6.90
CA GLY B 18 -12.37 1.70 6.89
C GLY B 18 -12.42 0.71 5.76
N LEU B 19 -12.03 1.12 4.55
CA LEU B 19 -12.13 0.25 3.38
C LEU B 19 -11.24 -0.97 3.53
N TYR B 20 -9.98 -0.76 3.95
CA TYR B 20 -9.08 -1.87 4.10
C TYR B 20 -9.49 -2.76 5.26
N SER B 21 -10.14 -2.19 6.30
CA SER B 21 -10.74 -3.02 7.35
C SER B 21 -11.80 -3.92 6.75
N ALA B 22 -12.72 -3.33 5.97
CA ALA B 22 -13.73 -4.16 5.32
C ALA B 22 -13.08 -5.21 4.46
N PHE B 23 -12.03 -4.85 3.71
CA PHE B 23 -11.36 -5.83 2.87
C PHE B 23 -10.77 -6.96 3.70
N TYR B 24 -9.94 -6.60 4.70
CA TYR B 24 -9.22 -7.62 5.47
C TYR B 24 -10.17 -8.42 6.36
N SER B 25 -11.24 -7.80 6.86
CA SER B 25 -12.27 -8.58 7.54
C SER B 25 -12.84 -9.65 6.62
N GLY B 26 -13.05 -9.31 5.35
CA GLY B 26 -13.54 -10.31 4.41
C GLY B 26 -12.51 -11.37 4.10
N LEU B 27 -11.24 -10.97 4.00
CA LEU B 27 -10.16 -11.94 3.82
C LEU B 27 -10.18 -12.97 4.94
N ARG B 28 -10.47 -12.52 6.17
CA ARG B 28 -10.54 -13.42 7.31
C ARG B 28 -11.95 -13.98 7.54
N GLU B 29 -12.86 -13.83 6.57
CA GLU B 29 -14.13 -14.56 6.55
C GLU B 29 -15.06 -14.16 7.69
N MET B 30 -15.11 -12.87 8.02
CA MET B 30 -16.04 -12.37 9.02
C MET B 30 -17.18 -11.59 8.34
N ARG B 31 -18.38 -11.71 8.89
CA ARG B 31 -19.51 -10.94 8.39
C ARG B 31 -19.25 -9.48 8.68
N THR B 32 -19.13 -8.68 7.62
CA THR B 32 -18.59 -7.33 7.71
C THR B 32 -19.60 -6.30 7.23
N LYS B 33 -19.69 -5.18 7.96
CA LYS B 33 -20.51 -4.04 7.57
C LYS B 33 -19.63 -2.80 7.62
N ILE B 34 -19.91 -1.83 6.74
CA ILE B 34 -19.23 -0.55 6.81
C ILE B 34 -20.27 0.56 6.69
N ILE B 35 -20.19 1.54 7.58
CA ILE B 35 -21.14 2.64 7.64
C ILE B 35 -20.38 3.92 7.35
N GLU B 36 -20.85 4.68 6.36
CA GLU B 36 -20.20 5.91 5.94
C GLU B 36 -21.22 7.03 5.87
N PHE B 37 -20.81 8.24 6.30
CA PHE B 37 -21.73 9.36 6.29
C PHE B 37 -22.07 9.81 4.88
N HIS B 38 -21.05 9.93 4.03
CA HIS B 38 -21.24 10.52 2.72
C HIS B 38 -21.95 9.55 1.79
N PRO B 39 -22.52 10.03 0.69
CA PRO B 39 -23.09 9.12 -0.30
C PRO B 39 -22.02 8.41 -1.14
N HIS B 40 -20.74 8.67 -0.90
N HIS B 40 -20.74 8.71 -0.94
CA HIS B 40 -19.64 8.04 -1.60
CA HIS B 40 -19.65 8.04 -1.63
C HIS B 40 -18.58 7.62 -0.60
C HIS B 40 -18.58 7.62 -0.61
N LEU B 41 -17.96 6.47 -0.87
CA LEU B 41 -16.84 5.98 -0.08
C LEU B 41 -15.57 6.69 -0.50
N GLY B 42 -14.53 6.66 0.37
CA GLY B 42 -13.25 7.27 0.01
C GLY B 42 -12.57 8.17 1.02
N GLY B 43 -13.33 8.87 1.87
CA GLY B 43 -12.73 9.60 2.97
C GLY B 43 -12.14 10.94 2.56
N LYS B 44 -11.07 11.35 3.26
CA LYS B 44 -10.47 12.68 3.08
C LYS B 44 -9.86 12.84 1.69
N ILE B 45 -9.50 11.77 1.01
CA ILE B 45 -8.98 11.89 -0.35
C ILE B 45 -9.96 12.65 -1.26
N HIS B 46 -11.25 12.65 -0.94
CA HIS B 46 -12.17 13.51 -1.68
C HIS B 46 -11.87 14.99 -1.50
N VAL B 47 -11.00 15.37 -0.56
CA VAL B 47 -10.57 16.76 -0.41
C VAL B 47 -9.48 17.12 -1.41
N TYR B 48 -8.78 16.13 -1.94
CA TYR B 48 -7.70 16.40 -2.87
C TYR B 48 -7.67 15.35 -3.99
N PRO B 49 -8.78 15.10 -4.68
CA PRO B 49 -8.76 14.09 -5.74
C PRO B 49 -7.94 14.50 -6.96
N GLU B 50 -7.53 15.76 -7.06
CA GLU B 50 -6.74 16.21 -8.19
C GLU B 50 -5.23 16.12 -7.99
N LYS B 51 -4.76 15.71 -6.82
CA LYS B 51 -3.31 15.69 -6.60
C LYS B 51 -2.72 14.33 -6.93
N MET B 52 -1.43 14.30 -7.27
CA MET B 52 -0.74 13.03 -7.46
C MET B 52 -0.28 12.53 -6.11
N ILE B 53 -0.43 11.24 -5.89
CA ILE B 53 -0.07 10.62 -4.61
C ILE B 53 1.03 9.60 -4.86
N TRP B 54 2.19 9.85 -4.28
CA TRP B 54 3.41 9.11 -4.52
C TRP B 54 3.78 8.15 -3.41
N ASP B 55 3.23 8.33 -2.20
CA ASP B 55 3.74 7.64 -1.02
C ASP B 55 2.81 6.56 -0.45
N VAL B 56 1.95 5.97 -1.29
CA VAL B 56 1.31 4.72 -0.93
C VAL B 56 2.23 3.60 -1.41
N GLY B 57 2.61 2.69 -0.52
CA GLY B 57 3.57 1.64 -0.84
C GLY B 57 3.10 0.73 -1.97
N GLY B 58 3.87 0.68 -3.04
CA GLY B 58 3.53 -0.15 -4.17
C GLY B 58 2.78 0.55 -5.26
N LEU B 59 2.30 1.78 -5.03
CA LEU B 59 1.60 2.55 -6.07
C LEU B 59 2.57 3.49 -6.77
N LEU B 60 2.68 3.33 -8.09
CA LEU B 60 3.22 4.41 -8.90
C LEU B 60 2.27 5.60 -8.80
N PRO B 61 2.75 6.82 -8.98
CA PRO B 61 1.91 8.00 -8.69
C PRO B 61 0.58 7.92 -9.42
N VAL B 62 -0.48 8.15 -8.65
N VAL B 62 -0.49 8.20 -8.68
CA VAL B 62 -1.85 8.18 -9.15
CA VAL B 62 -1.83 8.18 -9.24
C VAL B 62 -2.49 9.44 -8.59
C VAL B 62 -2.66 9.22 -8.51
N THR B 63 -3.57 9.86 -9.23
CA THR B 63 -4.36 10.93 -8.66
C THR B 63 -5.22 10.37 -7.55
N GLY B 64 -5.59 11.25 -6.61
CA GLY B 64 -6.51 10.85 -5.57
C GLY B 64 -7.77 10.22 -6.12
N ASP B 65 -8.30 10.78 -7.21
CA ASP B 65 -9.47 10.22 -7.86
C ASP B 65 -9.26 8.75 -8.22
N LYS B 66 -8.10 8.43 -8.80
CA LYS B 66 -7.84 7.05 -9.20
C LYS B 66 -7.56 6.18 -7.97
N LEU B 67 -6.94 6.75 -6.95
CA LEU B 67 -6.70 6.02 -5.70
C LEU B 67 -8.02 5.68 -5.00
N ILE B 68 -8.95 6.62 -4.94
CA ILE B 68 -10.27 6.32 -4.37
C ILE B 68 -10.92 5.16 -5.10
N GLU B 69 -10.86 5.16 -6.44
CA GLU B 69 -11.37 4.03 -7.23
C GLU B 69 -10.78 2.71 -6.75
N GLN B 70 -9.45 2.63 -6.72
CA GLN B 70 -8.80 1.39 -6.35
C GLN B 70 -9.17 0.96 -4.92
N LEU B 71 -9.22 1.90 -3.98
CA LEU B 71 -9.52 1.53 -2.58
C LEU B 71 -10.95 1.07 -2.43
N VAL B 72 -11.88 1.76 -3.08
CA VAL B 72 -13.27 1.33 -2.99
C VAL B 72 -13.43 -0.06 -3.57
N GLN B 73 -12.82 -0.33 -4.72
CA GLN B 73 -12.89 -1.68 -5.27
C GLN B 73 -12.30 -2.70 -4.31
N GLN B 74 -11.15 -2.39 -3.70
CA GLN B 74 -10.56 -3.37 -2.80
C GLN B 74 -11.46 -3.60 -1.59
N GLY B 75 -12.02 -2.52 -1.03
CA GLY B 75 -12.89 -2.65 0.13
C GLY B 75 -14.13 -3.47 -0.13
N LEU B 76 -14.58 -3.56 -1.37
CA LEU B 76 -15.81 -4.28 -1.64
C LEU B 76 -15.57 -5.69 -2.15
N THR B 77 -14.31 -6.13 -2.24
CA THR B 77 -13.96 -7.44 -2.77
C THR B 77 -14.82 -8.56 -2.18
N PHE B 78 -15.08 -8.52 -0.87
CA PHE B 78 -15.85 -9.57 -0.22
C PHE B 78 -17.27 -9.13 0.05
N LYS B 79 -17.71 -8.08 -0.64
CA LYS B 79 -19.12 -7.69 -0.67
C LYS B 79 -19.66 -7.49 0.75
N PRO B 80 -19.11 -6.54 1.50
CA PRO B 80 -19.68 -6.22 2.80
C PRO B 80 -21.02 -5.55 2.65
N GLU B 81 -21.78 -5.57 3.75
CA GLU B 81 -22.96 -4.72 3.86
C GLU B 81 -22.50 -3.26 3.95
N VAL B 82 -22.84 -2.47 2.94
CA VAL B 82 -22.41 -1.09 2.81
C VAL B 82 -23.60 -0.20 3.14
N VAL B 83 -23.51 0.57 4.21
CA VAL B 83 -24.56 1.51 4.61
C VAL B 83 -24.02 2.93 4.44
N LEU B 84 -24.33 3.57 3.33
CA LEU B 84 -23.91 4.93 3.04
C LEU B 84 -24.98 5.93 3.50
N ASP B 85 -24.68 7.23 3.36
CA ASP B 85 -25.60 8.29 3.74
C ASP B 85 -26.09 8.15 5.17
N THR B 86 -25.19 7.74 6.05
CA THR B 86 -25.62 7.35 7.38
C THR B 86 -24.58 7.84 8.37
N LYS B 87 -25.02 8.67 9.30
CA LYS B 87 -24.17 9.14 10.38
C LYS B 87 -24.37 8.20 11.56
N VAL B 88 -23.28 7.54 11.98
CA VAL B 88 -23.32 6.84 13.26
C VAL B 88 -23.25 7.89 14.36
N GLU B 89 -24.29 7.92 15.19
CA GLU B 89 -24.49 8.94 16.21
C GLU B 89 -23.87 8.53 17.55
N SER B 90 -23.92 7.24 17.89
CA SER B 90 -23.45 6.79 19.19
C SER B 90 -23.08 5.32 19.14
N ILE B 91 -22.26 4.91 20.09
CA ILE B 91 -21.88 3.51 20.29
C ILE B 91 -22.17 3.14 21.73
N ILE B 92 -22.87 2.01 21.90
CA ILE B 92 -23.20 1.47 23.21
C ILE B 92 -22.61 0.07 23.29
N ARG B 93 -22.04 -0.27 24.44
CA ARG B 93 -21.55 -1.62 24.67
C ARG B 93 -22.57 -2.36 25.53
N ASN B 94 -23.19 -3.37 24.94
CA ASN B 94 -24.24 -4.12 25.60
C ASN B 94 -23.64 -4.98 26.71
N GLN B 95 -24.51 -5.54 27.55
CA GLN B 95 -23.95 -6.27 28.68
C GLN B 95 -23.32 -7.58 28.22
N ASP B 96 -23.88 -8.22 27.19
CA ASP B 96 -23.28 -9.45 26.69
C ASP B 96 -21.93 -9.19 26.01
N GLY B 97 -21.56 -7.92 25.83
CA GLY B 97 -20.29 -7.55 25.22
C GLY B 97 -20.36 -7.15 23.76
N THR B 98 -21.51 -7.33 23.12
CA THR B 98 -21.67 -6.88 21.76
C THR B 98 -21.92 -5.37 21.75
N PHE B 99 -22.09 -4.82 20.56
CA PHE B 99 -22.20 -3.38 20.39
C PHE B 99 -23.45 -3.05 19.61
N THR B 100 -24.06 -1.93 19.96
CA THR B 100 -25.19 -1.38 19.25
C THR B 100 -24.83 0.02 18.79
N LEU B 101 -24.91 0.25 17.49
CA LEU B 101 -24.60 1.54 16.89
C LEU B 101 -25.90 2.22 16.52
N LYS B 102 -26.08 3.45 16.98
CA LYS B 102 -27.32 4.21 16.74
C LYS B 102 -27.02 5.32 15.75
N THR B 103 -27.80 5.39 14.69
CA THR B 103 -27.61 6.39 13.65
C THR B 103 -28.44 7.63 13.94
N SER B 104 -28.13 8.71 13.24
CA SER B 104 -28.86 9.96 13.41
C SER B 104 -30.36 9.77 13.19
N THR B 105 -30.75 8.70 12.51
CA THR B 105 -32.15 8.32 12.32
C THR B 105 -32.74 7.62 13.53
N GLY B 106 -31.89 7.04 14.38
CA GLY B 106 -32.32 6.13 15.40
C GLY B 106 -32.22 4.68 15.01
N GLU B 107 -32.02 4.39 13.73
CA GLU B 107 -31.80 3.01 13.30
C GLU B 107 -30.60 2.42 14.02
N GLU B 108 -30.63 1.12 14.25
CA GLU B 108 -29.64 0.46 15.09
C GLU B 108 -28.95 -0.65 14.32
N HIS B 109 -27.65 -0.79 14.54
CA HIS B 109 -26.84 -1.88 14.01
C HIS B 109 -26.15 -2.59 15.17
N PHE B 110 -25.87 -3.88 14.99
CA PHE B 110 -25.38 -4.73 16.07
C PHE B 110 -24.13 -5.45 15.62
N SER B 111 -23.11 -5.52 16.48
CA SER B 111 -21.86 -6.12 16.03
C SER B 111 -21.15 -6.80 17.19
N LYS B 112 -20.44 -7.88 16.89
CA LYS B 112 -19.57 -8.46 17.90
C LYS B 112 -18.36 -7.56 18.19
N THR B 113 -17.81 -6.92 17.16
CA THR B 113 -16.71 -5.98 17.30
C THR B 113 -16.98 -4.76 16.41
N VAL B 114 -16.46 -3.63 16.85
CA VAL B 114 -16.55 -2.38 16.10
C VAL B 114 -15.15 -1.85 15.83
N ILE B 115 -14.91 -1.47 14.58
CA ILE B 115 -13.66 -0.82 14.16
C ILE B 115 -13.97 0.63 13.84
N VAL B 116 -13.53 1.54 14.70
CA VAL B 116 -13.74 2.97 14.50
C VAL B 116 -12.68 3.46 13.52
N ALA B 117 -13.11 3.90 12.34
CA ALA B 117 -12.22 4.47 11.35
C ALA B 117 -12.78 5.78 10.86
N THR B 118 -13.10 6.65 11.82
CA THR B 118 -13.78 7.89 11.49
C THR B 118 -12.80 9.00 11.12
N GLY B 119 -11.50 8.68 11.07
CA GLY B 119 -10.51 9.66 10.64
C GLY B 119 -10.63 10.92 11.47
N SER B 120 -10.61 12.08 10.82
CA SER B 120 -10.79 13.32 11.56
C SER B 120 -12.25 13.78 11.58
N GLY B 121 -13.18 12.90 11.25
CA GLY B 121 -14.58 13.16 11.48
C GLY B 121 -15.37 13.29 10.18
N ILE B 122 -16.54 13.92 10.31
CA ILE B 122 -17.39 14.19 9.17
C ILE B 122 -17.03 15.57 8.65
N LEU B 123 -16.59 15.63 7.39
CA LEU B 123 -16.30 16.89 6.71
C LEU B 123 -17.38 17.19 5.69
N LYS B 124 -17.97 18.39 5.79
CA LYS B 124 -18.87 18.90 4.77
C LYS B 124 -18.32 20.24 4.30
N PRO B 125 -18.20 20.46 3.00
CA PRO B 125 -17.81 21.80 2.53
C PRO B 125 -18.96 22.77 2.78
N GLN B 126 -18.61 23.97 3.24
CA GLN B 126 -19.60 24.97 3.53
C GLN B 126 -20.25 25.43 2.22
N LYS B 127 -21.57 25.30 2.14
CA LYS B 127 -22.27 25.50 0.88
C LYS B 127 -22.44 26.98 0.55
N LEU B 128 -22.65 27.25 -0.73
CA LEU B 128 -22.97 28.60 -1.18
C LEU B 128 -24.37 28.98 -0.70
N SER B 129 -24.45 30.09 0.04
CA SER B 129 -25.74 30.56 0.56
C SER B 129 -26.45 31.45 -0.45
N ILE B 130 -26.61 30.96 -1.67
CA ILE B 130 -27.37 31.63 -2.71
C ILE B 130 -28.64 30.83 -2.99
N GLU B 131 -29.74 31.55 -3.21
CA GLU B 131 -31.06 30.94 -3.38
C GLU B 131 -31.05 29.92 -4.51
N GLY B 132 -31.30 28.66 -4.15
CA GLY B 132 -31.40 27.59 -5.15
C GLY B 132 -30.11 27.34 -5.90
N ALA B 133 -28.96 27.48 -5.24
CA ALA B 133 -27.70 27.21 -5.90
C ALA B 133 -27.47 25.72 -6.16
N GLU B 134 -28.21 24.85 -5.47
CA GLU B 134 -27.98 23.41 -5.57
C GLU B 134 -28.31 22.85 -6.94
N ARG B 135 -29.06 23.59 -7.76
CA ARG B 135 -29.42 23.10 -9.09
C ARG B 135 -28.19 22.76 -9.91
N PHE B 136 -27.11 23.53 -9.73
CA PHE B 136 -25.92 23.43 -10.55
C PHE B 136 -24.87 22.50 -9.98
N GLU B 137 -25.13 21.89 -8.83
CA GLU B 137 -24.21 20.91 -8.27
C GLU B 137 -24.02 19.72 -9.22
N VAL B 138 -25.07 19.38 -9.97
CA VAL B 138 -25.03 18.26 -10.91
C VAL B 138 -24.27 18.57 -12.19
N SER B 139 -23.90 19.83 -12.41
CA SER B 139 -23.21 20.23 -13.64
C SER B 139 -21.83 20.83 -13.38
N ASN B 140 -21.75 22.15 -13.17
CA ASN B 140 -20.46 22.84 -13.13
C ASN B 140 -20.29 23.74 -11.90
N LEU B 141 -20.99 23.47 -10.81
CA LEU B 141 -20.78 24.17 -9.55
C LEU B 141 -20.10 23.19 -8.60
N ASN B 142 -18.81 23.39 -8.36
CA ASN B 142 -18.03 22.44 -7.58
C ASN B 142 -17.61 23.03 -6.24
N TYR B 143 -17.33 22.12 -5.30
CA TYR B 143 -16.75 22.42 -3.99
C TYR B 143 -15.37 21.80 -3.81
N THR B 144 -14.89 21.04 -4.79
CA THR B 144 -13.54 20.53 -4.85
C THR B 144 -13.10 20.57 -6.31
N VAL B 145 -11.78 20.50 -6.53
CA VAL B 145 -11.21 20.34 -7.88
C VAL B 145 -11.17 18.84 -8.16
N LYS B 146 -12.21 18.33 -8.83
CA LYS B 146 -12.31 16.88 -8.95
C LYS B 146 -11.19 16.31 -9.83
N SER B 147 -10.70 17.08 -10.79
CA SER B 147 -9.57 16.67 -11.61
C SER B 147 -9.07 17.89 -12.36
N LEU B 148 -7.75 17.90 -12.62
CA LEU B 148 -7.18 19.00 -13.38
C LEU B 148 -7.74 19.04 -14.80
N LYS B 149 -7.97 17.86 -15.41
CA LYS B 149 -8.43 17.84 -16.79
C LYS B 149 -9.82 18.42 -16.92
N ARG B 150 -10.67 18.24 -15.91
CA ARG B 150 -12.01 18.79 -15.95
C ARG B 150 -12.01 20.26 -16.33
N PHE B 151 -10.92 20.98 -16.02
CA PHE B 151 -10.86 22.42 -16.19
C PHE B 151 -9.95 22.84 -17.34
N LYS B 152 -9.40 21.88 -18.07
CA LYS B 152 -8.51 22.21 -19.17
C LYS B 152 -9.22 23.12 -20.16
N GLY B 153 -8.60 24.26 -20.45
CA GLY B 153 -9.13 25.22 -21.40
C GLY B 153 -10.43 25.86 -21.03
N LYS B 154 -10.81 25.84 -19.76
CA LYS B 154 -12.08 26.41 -19.31
C LYS B 154 -11.84 27.67 -18.49
N THR B 155 -12.92 28.45 -18.33
CA THR B 155 -12.88 29.70 -17.58
C THR B 155 -13.54 29.47 -16.23
N VAL B 156 -12.76 29.63 -15.17
CA VAL B 156 -13.14 29.24 -13.81
C VAL B 156 -13.13 30.46 -12.92
N ILE B 157 -14.16 30.60 -12.09
CA ILE B 157 -14.15 31.56 -11.01
C ILE B 157 -14.15 30.79 -9.69
N ILE B 158 -13.28 31.18 -8.76
CA ILE B 158 -13.17 30.55 -7.45
C ILE B 158 -13.70 31.55 -6.43
N SER B 159 -14.68 31.15 -5.65
CA SER B 159 -15.22 32.03 -4.63
C SER B 159 -14.60 31.71 -3.27
N GLY B 160 -14.25 32.75 -2.54
CA GLY B 160 -13.53 32.60 -1.29
C GLY B 160 -12.03 32.62 -1.51
N GLY B 161 -11.32 32.99 -0.44
CA GLY B 161 -9.88 33.14 -0.50
C GLY B 161 -9.23 32.39 0.64
N GLY B 162 -7.91 32.21 0.52
CA GLY B 162 -7.17 31.48 1.53
C GLY B 162 -7.36 29.98 1.43
N ASN B 163 -7.89 29.37 2.51
CA ASN B 163 -8.17 27.95 2.65
C ASN B 163 -7.40 27.12 1.65
N SER B 164 -8.13 26.45 0.75
CA SER B 164 -7.56 25.78 -0.41
C SER B 164 -7.59 26.68 -1.65
N ALA B 165 -8.18 27.87 -1.54
CA ALA B 165 -8.35 28.73 -2.72
C ALA B 165 -7.03 29.06 -3.39
N VAL B 166 -6.05 29.57 -2.64
CA VAL B 166 -4.79 29.96 -3.29
C VAL B 166 -4.14 28.76 -3.97
N ASP B 167 -4.19 27.60 -3.32
CA ASP B 167 -3.56 26.41 -3.86
C ASP B 167 -4.28 25.91 -5.12
N TRP B 168 -5.60 26.03 -5.14
CA TRP B 168 -6.36 25.65 -6.33
C TRP B 168 -6.01 26.53 -7.51
N ALA B 169 -6.07 27.84 -7.30
CA ALA B 169 -5.75 28.78 -8.37
C ALA B 169 -4.35 28.53 -8.92
N ASN B 170 -3.39 28.20 -8.06
CA ASN B 170 -2.03 28.04 -8.55
C ASN B 170 -1.87 26.80 -9.43
N GLU B 171 -2.69 25.78 -9.24
CA GLU B 171 -2.59 24.59 -10.06
C GLU B 171 -3.54 24.60 -11.25
N LEU B 172 -4.52 25.51 -11.28
CA LEU B 172 -5.37 25.70 -12.43
C LEU B 172 -4.89 26.81 -13.36
N GLU B 173 -4.05 27.72 -12.86
CA GLU B 173 -3.47 28.76 -13.73
C GLU B 173 -2.85 28.19 -15.00
N PRO B 174 -2.00 27.16 -14.96
CA PRO B 174 -1.42 26.65 -16.21
C PRO B 174 -2.32 25.69 -16.97
N ILE B 175 -3.56 25.46 -16.51
CA ILE B 175 -4.47 24.52 -17.11
C ILE B 175 -5.71 25.20 -17.68
N ALA B 176 -6.28 26.15 -16.94
CA ALA B 176 -7.52 26.77 -17.35
C ALA B 176 -7.25 27.80 -18.44
N LYS B 177 -8.33 28.19 -19.12
CA LYS B 177 -8.19 29.31 -20.03
C LYS B 177 -7.96 30.61 -19.25
N LYS B 178 -8.68 30.78 -18.16
CA LYS B 178 -8.58 31.96 -17.32
C LYS B 178 -9.06 31.56 -15.93
N VAL B 179 -8.43 32.11 -14.91
CA VAL B 179 -8.79 31.83 -13.54
C VAL B 179 -9.11 33.16 -12.86
N TYR B 180 -10.34 33.28 -12.37
CA TYR B 180 -10.76 34.39 -11.53
C TYR B 180 -10.87 33.91 -10.09
N VAL B 181 -10.61 34.82 -9.16
CA VAL B 181 -10.75 34.57 -7.74
C VAL B 181 -11.47 35.76 -7.13
N THR B 182 -12.53 35.51 -6.37
CA THR B 182 -13.28 36.56 -5.70
C THR B 182 -13.23 36.30 -4.20
N TYR B 183 -12.70 37.26 -3.44
CA TYR B 183 -12.60 37.13 -2.00
C TYR B 183 -13.34 38.27 -1.33
N ARG B 184 -14.02 37.93 -0.24
CA ARG B 184 -14.89 38.81 0.52
C ARG B 184 -14.13 39.72 1.50
N LYS B 185 -12.86 39.44 1.78
CA LYS B 185 -12.03 40.30 2.60
C LYS B 185 -11.08 41.13 1.71
N GLU B 186 -10.01 41.68 2.31
CA GLU B 186 -9.03 42.52 1.60
C GLU B 186 -7.80 41.78 1.11
N GLU B 187 -7.19 40.93 1.93
CA GLU B 187 -6.02 40.14 1.52
C GLU B 187 -6.41 38.67 1.38
N LEU B 188 -5.91 38.01 0.33
CA LEU B 188 -6.14 36.59 0.11
C LEU B 188 -5.53 35.79 1.27
N SER B 189 -6.39 35.22 2.12
CA SER B 189 -5.98 34.69 3.42
C SER B 189 -5.18 33.39 3.36
N GLY B 190 -4.18 33.31 2.48
CA GLY B 190 -3.19 32.28 2.52
C GLY B 190 -1.94 32.72 3.27
N HIS B 191 -0.87 31.95 3.11
CA HIS B 191 0.45 32.33 3.61
C HIS B 191 1.24 33.01 2.49
N GLU B 192 2.03 34.03 2.86
CA GLU B 192 2.65 34.91 1.87
C GLU B 192 3.60 34.18 0.93
N ALA B 193 3.89 32.90 1.18
CA ALA B 193 4.71 32.12 0.27
C ALA B 193 4.00 31.92 -1.07
N GLN B 194 2.75 31.43 -1.04
CA GLN B 194 2.01 31.09 -2.25
C GLN B 194 1.11 32.22 -2.79
N VAL B 195 0.84 33.26 -2.00
CA VAL B 195 0.03 34.36 -2.51
C VAL B 195 0.85 35.26 -3.46
N LYS B 196 2.18 35.31 -3.31
CA LYS B 196 2.98 36.12 -4.22
C LYS B 196 3.10 35.49 -5.61
N GLN B 197 3.13 34.16 -5.71
CA GLN B 197 3.09 33.52 -7.03
C GLN B 197 1.73 33.69 -7.69
N LEU B 198 0.66 33.69 -6.90
CA LEU B 198 -0.70 33.85 -7.43
C LEU B 198 -0.86 35.20 -8.16
N MET B 199 -0.29 36.27 -7.59
CA MET B 199 -0.51 37.63 -8.11
C MET B 199 0.42 37.99 -9.27
N ASN B 200 1.60 37.36 -9.38
CA ASN B 200 2.51 37.63 -10.49
C ASN B 200 2.19 36.82 -11.72
N SER B 201 1.20 35.93 -11.64
CA SER B 201 0.81 34.99 -12.66
C SER B 201 -0.58 35.31 -13.21
N SER B 202 -1.15 34.37 -13.95
CA SER B 202 -2.33 34.59 -14.75
C SER B 202 -3.66 34.45 -14.02
N ALA B 203 -3.73 34.77 -12.73
CA ALA B 203 -4.99 34.77 -11.99
C ALA B 203 -5.44 36.20 -11.74
N GLU B 204 -6.71 36.49 -12.04
CA GLU B 204 -7.28 37.81 -11.85
C GLU B 204 -8.16 37.79 -10.60
N CYS B 205 -7.81 38.63 -9.63
CA CYS B 205 -8.48 38.65 -8.33
C CYS B 205 -9.43 39.84 -8.22
N PHE B 206 -10.56 39.62 -7.56
CA PHE B 206 -11.50 40.67 -7.20
C PHE B 206 -11.66 40.64 -5.68
N PHE B 207 -11.32 41.74 -5.01
CA PHE B 207 -11.42 41.79 -3.56
C PHE B 207 -12.65 42.58 -3.12
N ASN B 208 -13.15 42.27 -1.92
CA ASN B 208 -14.40 42.81 -1.41
C ASN B 208 -15.58 42.50 -2.32
N THR B 209 -15.56 41.34 -2.97
CA THR B 209 -16.62 40.94 -3.88
C THR B 209 -17.13 39.56 -3.50
N SER B 210 -18.36 39.26 -3.95
CA SER B 210 -18.96 37.95 -3.75
C SER B 210 -19.94 37.68 -4.88
N ILE B 211 -20.19 36.40 -5.12
CA ILE B 211 -21.16 35.99 -6.13
C ILE B 211 -22.57 36.17 -5.57
N THR B 212 -23.43 36.83 -6.34
CA THR B 212 -24.78 37.12 -5.88
C THR B 212 -25.88 36.45 -6.70
N LYS B 213 -25.57 35.91 -7.88
CA LYS B 213 -26.56 35.09 -8.58
C LYS B 213 -25.84 34.20 -9.57
N LEU B 214 -26.30 32.95 -9.66
CA LEU B 214 -25.84 32.01 -10.66
C LEU B 214 -26.84 32.04 -11.80
N ILE B 215 -26.35 32.34 -13.00
CA ILE B 215 -27.19 32.53 -14.17
C ILE B 215 -27.00 31.34 -15.09
N ALA B 216 -28.04 30.51 -15.19
CA ALA B 216 -27.94 29.34 -16.03
C ALA B 216 -28.03 29.76 -17.49
N GLY B 217 -27.74 28.82 -18.38
CA GLY B 217 -27.95 29.09 -19.78
C GLY B 217 -29.41 28.98 -20.13
N ASP B 218 -29.81 29.77 -21.13
CA ASP B 218 -31.16 29.63 -21.66
C ASP B 218 -31.33 28.29 -22.36
N ASN B 219 -30.22 27.66 -22.75
CA ASN B 219 -30.20 26.39 -23.45
C ASN B 219 -29.90 25.20 -22.55
N HIS B 220 -29.07 25.36 -21.53
CA HIS B 220 -28.73 24.30 -20.61
C HIS B 220 -29.23 24.64 -19.20
N GLU B 221 -28.72 23.87 -18.23
CA GLU B 221 -28.83 24.19 -16.82
C GLU B 221 -27.44 24.28 -16.20
N ALA B 222 -26.40 24.37 -17.02
CA ALA B 222 -25.10 24.74 -16.47
C ALA B 222 -25.03 26.24 -16.25
N ILE B 223 -24.07 26.65 -15.44
CA ILE B 223 -23.84 28.07 -15.17
C ILE B 223 -23.12 28.68 -16.37
N GLU B 224 -23.76 29.64 -17.02
CA GLU B 224 -23.15 30.29 -18.18
C GLU B 224 -22.54 31.63 -17.83
N TYR B 225 -23.16 32.39 -16.92
CA TYR B 225 -22.65 33.65 -16.43
C TYR B 225 -22.81 33.71 -14.91
N VAL B 226 -22.05 34.60 -14.28
CA VAL B 226 -22.10 34.80 -12.84
C VAL B 226 -22.21 36.30 -12.57
N GLU B 227 -23.04 36.67 -11.60
CA GLU B 227 -23.19 38.06 -11.19
C GLU B 227 -22.36 38.33 -9.94
N LEU B 228 -21.55 39.38 -9.96
CA LEU B 228 -20.66 39.77 -8.88
C LEU B 228 -21.07 41.13 -8.30
N THR B 229 -20.69 41.36 -7.03
CA THR B 229 -21.08 42.57 -6.30
C THR B 229 -19.95 43.08 -5.41
N ASN B 230 -19.62 44.37 -5.53
CA ASN B 230 -18.58 44.99 -4.70
C ASN B 230 -19.12 45.40 -3.34
N HIS B 231 -18.43 44.99 -2.28
CA HIS B 231 -18.84 45.29 -0.91
C HIS B 231 -18.33 46.64 -0.40
N GLU B 232 -17.43 47.30 -1.14
CA GLU B 232 -16.94 48.61 -0.71
C GLU B 232 -17.31 49.74 -1.67
N THR B 233 -17.35 49.48 -2.97
CA THR B 233 -17.81 50.48 -3.94
C THR B 233 -19.31 50.33 -4.17
N GLY B 234 -19.71 49.20 -4.77
CA GLY B 234 -21.12 48.87 -4.92
C GLY B 234 -21.46 48.33 -6.29
N GLU B 235 -20.47 48.29 -7.18
CA GLU B 235 -20.68 47.88 -8.56
C GLU B 235 -21.23 46.45 -8.63
N VAL B 236 -22.08 46.20 -9.62
CA VAL B 236 -22.67 44.88 -9.86
C VAL B 236 -22.37 44.49 -11.30
N SER B 237 -21.33 43.68 -11.51
CA SER B 237 -20.93 43.23 -12.84
C SER B 237 -21.39 41.79 -13.11
N HIS B 238 -21.24 41.38 -14.37
CA HIS B 238 -21.53 40.04 -14.84
C HIS B 238 -20.30 39.47 -15.53
N LEU B 239 -20.14 38.15 -15.45
CA LEU B 239 -18.94 37.54 -15.98
C LEU B 239 -19.23 36.16 -16.55
N PRO B 240 -18.82 35.88 -17.80
CA PRO B 240 -19.03 34.53 -18.36
C PRO B 240 -17.98 33.54 -17.88
N ILE B 241 -18.45 32.36 -17.45
CA ILE B 241 -17.58 31.33 -16.92
C ILE B 241 -18.06 29.96 -17.39
N ASP B 242 -17.12 29.02 -17.44
CA ASP B 242 -17.42 27.63 -17.73
C ASP B 242 -17.59 26.79 -16.45
N GLU B 243 -16.87 27.15 -15.39
CA GLU B 243 -16.89 26.39 -14.15
C GLU B 243 -16.88 27.35 -12.98
N VAL B 244 -17.59 26.98 -11.91
CA VAL B 244 -17.55 27.70 -10.64
C VAL B 244 -17.10 26.73 -9.57
N ILE B 245 -16.15 27.18 -8.73
CA ILE B 245 -15.62 26.42 -7.61
C ILE B 245 -15.80 27.24 -6.34
N ILE B 246 -16.49 26.68 -5.37
CA ILE B 246 -16.72 27.35 -4.09
C ILE B 246 -15.71 26.83 -3.09
N ASN B 247 -15.03 27.75 -2.40
CA ASN B 247 -14.12 27.44 -1.30
C ASN B 247 -14.40 28.40 -0.16
N HIS B 248 -15.41 28.05 0.65
CA HIS B 248 -15.74 28.83 1.83
C HIS B 248 -15.43 28.06 3.11
N GLY B 249 -14.63 27.00 3.01
CA GLY B 249 -14.25 26.20 4.16
C GLY B 249 -15.10 24.96 4.33
N TYR B 250 -14.84 24.28 5.44
CA TYR B 250 -15.48 23.01 5.75
C TYR B 250 -16.08 23.07 7.14
N GLU B 251 -17.19 22.36 7.31
CA GLU B 251 -17.77 22.11 8.62
C GLU B 251 -17.34 20.73 9.07
N ARG B 252 -17.07 20.60 10.38
CA ARG B 252 -16.64 19.35 10.98
C ARG B 252 -17.71 18.82 11.91
N ASP B 253 -17.83 17.49 12.00
CA ASP B 253 -18.63 16.83 13.04
C ASP B 253 -17.80 15.73 13.69
N ILE B 254 -17.48 15.91 14.96
CA ILE B 254 -16.64 14.95 15.67
C ILE B 254 -17.36 14.35 16.89
N THR B 255 -18.69 14.48 16.94
CA THR B 255 -19.49 14.19 18.12
C THR B 255 -19.62 12.72 18.46
N LEU B 256 -19.08 11.81 17.64
CA LEU B 256 -19.35 10.38 17.80
C LEU B 256 -19.02 9.89 19.21
N LEU B 257 -17.81 10.14 19.67
CA LEU B 257 -17.36 9.54 20.92
C LEU B 257 -17.84 10.31 22.14
N GLU B 258 -18.14 11.61 22.01
CA GLU B 258 -18.73 12.33 23.14
C GLU B 258 -20.15 11.87 23.42
N ASN B 259 -20.93 11.65 22.37
CA ASN B 259 -22.31 11.20 22.46
C ASN B 259 -22.45 9.75 22.90
N SER B 260 -21.34 9.00 22.93
CA SER B 260 -21.37 7.61 23.33
C SER B 260 -21.09 7.45 24.82
N GLU B 261 -21.85 6.57 25.46
CA GLU B 261 -21.58 6.13 26.82
C GLU B 261 -20.60 4.96 26.75
N LEU B 262 -19.32 5.30 26.63
CA LEU B 262 -18.27 4.31 26.56
C LEU B 262 -17.04 4.80 27.31
N ASP B 263 -16.51 4.00 28.23
CA ASP B 263 -15.25 4.38 28.85
C ASP B 263 -14.10 3.98 27.93
N VAL B 264 -14.12 4.61 26.75
CA VAL B 264 -13.03 4.51 25.81
C VAL B 264 -12.13 5.69 26.08
N ALA B 265 -10.83 5.44 26.17
CA ALA B 265 -9.88 6.48 26.51
C ALA B 265 -9.59 7.33 25.27
N ILE B 266 -9.66 8.67 25.42
CA ILE B 266 -9.54 9.62 24.32
C ILE B 266 -8.32 10.50 24.55
N ILE B 267 -7.50 10.70 23.52
CA ILE B 267 -6.37 11.64 23.61
C ILE B 267 -6.74 13.00 23.05
N ASP B 268 -6.42 14.05 23.80
CA ASP B 268 -6.56 15.42 23.31
C ASP B 268 -7.99 15.71 22.85
N ASN B 269 -8.97 15.09 23.52
CA ASN B 269 -10.39 15.29 23.32
C ASN B 269 -10.89 14.81 21.98
N TYR B 270 -10.08 14.08 21.22
CA TYR B 270 -10.61 13.55 19.97
C TYR B 270 -10.15 12.13 19.65
N TYR B 271 -8.84 11.92 19.57
CA TYR B 271 -8.32 10.67 19.03
C TYR B 271 -8.57 9.55 20.02
N ILE B 272 -8.67 8.33 19.50
CA ILE B 272 -8.80 7.18 20.39
C ILE B 272 -7.41 6.75 20.87
N ALA B 273 -7.26 6.64 22.17
CA ALA B 273 -5.98 6.26 22.75
C ALA B 273 -5.78 4.77 22.57
N GLY B 274 -4.94 4.36 21.62
CA GLY B 274 -4.79 2.97 21.28
C GLY B 274 -3.39 2.44 21.56
N ASN B 275 -3.21 1.16 21.27
CA ASN B 275 -1.90 0.52 21.30
C ASN B 275 -1.44 0.18 19.89
N ALA B 276 -0.27 -0.44 19.80
CA ALA B 276 0.35 -0.74 18.51
C ALA B 276 -0.45 -1.76 17.72
N ASN B 277 -1.47 -2.36 18.33
CA ASN B 277 -2.31 -3.36 17.69
C ASN B 277 -3.70 -2.82 17.40
N SER B 278 -3.87 -1.50 17.53
CA SER B 278 -5.12 -0.79 17.21
C SER B 278 -6.22 -1.02 18.24
N GLU B 279 -5.86 -1.55 19.40
CA GLU B 279 -6.82 -1.81 20.47
C GLU B 279 -7.08 -0.55 21.28
N SER B 280 -8.36 -0.25 21.54
CA SER B 280 -8.73 0.81 22.45
C SER B 280 -8.82 0.22 23.86
N SER B 281 -9.26 1.01 24.82
CA SER B 281 -9.42 0.55 26.19
C SER B 281 -10.71 -0.26 26.39
N VAL B 282 -11.52 -0.44 25.36
CA VAL B 282 -12.72 -1.26 25.46
C VAL B 282 -12.51 -2.49 24.61
N ASP B 283 -12.77 -3.67 25.18
CA ASP B 283 -12.54 -4.92 24.49
C ASP B 283 -13.43 -5.06 23.26
N GLY B 284 -12.80 -5.45 22.15
CA GLY B 284 -13.53 -5.64 20.91
C GLY B 284 -13.85 -4.35 20.16
N LEU B 285 -13.42 -3.20 20.67
CA LEU B 285 -13.59 -1.91 19.99
C LEU B 285 -12.20 -1.42 19.60
N TYR B 286 -11.99 -1.27 18.30
CA TYR B 286 -10.69 -0.95 17.75
C TYR B 286 -10.77 0.37 16.99
N ALA B 287 -9.62 0.97 16.77
CA ALA B 287 -9.51 2.21 16.02
C ALA B 287 -8.47 2.03 14.93
N ALA B 288 -8.74 2.56 13.75
CA ALA B 288 -7.79 2.46 12.66
C ALA B 288 -7.80 3.72 11.82
N GLY B 289 -6.61 4.14 11.41
CA GLY B 289 -6.54 5.34 10.61
C GLY B 289 -6.29 6.60 11.41
N ASP B 290 -6.72 7.76 10.91
CA ASP B 290 -6.33 8.98 11.58
C ASP B 290 -6.94 9.07 12.97
N ILE B 291 -7.99 8.29 13.26
CA ILE B 291 -8.57 8.34 14.59
C ILE B 291 -7.67 7.65 15.61
N LEU B 292 -6.79 6.76 15.17
CA LEU B 292 -5.92 5.99 16.05
C LEU B 292 -4.70 6.80 16.42
N LYS B 293 -4.43 6.90 17.71
CA LYS B 293 -3.26 7.61 18.21
C LYS B 293 -2.48 6.65 19.08
N HIS B 294 -1.23 6.39 18.72
CA HIS B 294 -0.30 5.67 19.59
C HIS B 294 1.11 6.00 19.12
N GLU B 295 2.10 5.66 19.94
CA GLU B 295 3.47 6.14 19.77
C GLU B 295 4.08 5.77 18.43
N GLY B 296 3.58 4.72 17.76
CA GLY B 296 4.06 4.32 16.45
C GLY B 296 3.08 4.56 15.32
N LYS B 297 2.01 5.32 15.57
CA LYS B 297 1.06 5.66 14.52
C LYS B 297 1.74 6.47 13.41
N LEU B 298 1.58 6.01 12.18
CA LEU B 298 2.19 6.64 11.01
C LEU B 298 1.11 7.43 10.27
N HIS B 299 1.32 8.74 10.15
CA HIS B 299 0.31 9.66 9.62
C HIS B 299 0.30 9.68 8.10
N LEU B 300 0.13 8.49 7.53
CA LEU B 300 0.07 8.27 6.11
C LEU B 300 -1.10 7.34 5.83
N ILE B 301 -1.56 7.38 4.58
CA ILE B 301 -2.46 6.33 4.13
C ILE B 301 -1.84 4.97 4.38
N ALA B 302 -0.54 4.82 4.09
CA ALA B 302 0.17 3.57 4.36
C ALA B 302 0.01 3.11 5.80
N GLY B 303 -0.05 4.06 6.75
CA GLY B 303 -0.33 3.68 8.12
C GLY B 303 -1.76 3.24 8.37
N ALA B 304 -2.72 3.81 7.64
CA ALA B 304 -4.09 3.34 7.82
C ALA B 304 -4.20 1.86 7.51
N PHE B 305 -3.50 1.38 6.48
CA PHE B 305 -3.57 -0.03 6.14
C PHE B 305 -3.06 -0.88 7.28
N GLN B 306 -1.94 -0.45 7.90
CA GLN B 306 -1.40 -1.22 9.01
C GLN B 306 -2.35 -1.22 10.19
N ASP B 307 -2.94 -0.07 10.55
CA ASP B 307 -3.94 -0.02 11.62
C ASP B 307 -5.08 -0.98 11.34
N ALA B 308 -5.62 -0.91 10.12
CA ALA B 308 -6.76 -1.72 9.74
C ALA B 308 -6.42 -3.21 9.86
N GLY B 309 -5.32 -3.64 9.25
CA GLY B 309 -4.92 -5.05 9.38
C GLY B 309 -4.73 -5.47 10.83
N ASN B 310 -4.06 -4.64 11.64
CA ASN B 310 -3.90 -5.00 13.03
C ASN B 310 -5.25 -5.06 13.75
N ALA B 311 -6.13 -4.11 13.49
CA ALA B 311 -7.46 -4.12 14.10
C ALA B 311 -8.21 -5.39 13.72
N VAL B 312 -8.25 -5.71 12.43
CA VAL B 312 -9.03 -6.85 11.95
C VAL B 312 -8.48 -8.14 12.56
N ASN B 313 -7.14 -8.28 12.61
CA ASN B 313 -6.57 -9.49 13.17
C ASN B 313 -6.92 -9.66 14.64
N LYS B 314 -7.00 -8.56 15.36
CA LYS B 314 -7.42 -8.68 16.76
C LYS B 314 -8.89 -9.02 16.85
N ALA B 315 -9.73 -8.41 16.01
CA ALA B 315 -11.15 -8.72 16.02
C ALA B 315 -11.43 -10.20 15.75
N LYS B 316 -10.71 -10.79 14.79
CA LYS B 316 -10.93 -12.21 14.48
C LYS B 316 -10.67 -13.11 15.69
N GLN B 317 -9.65 -12.81 16.48
CA GLN B 317 -9.38 -13.61 17.66
C GLN B 317 -10.29 -13.29 18.84
N PHE B 318 -10.84 -12.09 18.90
CA PHE B 318 -11.82 -11.76 19.92
C PHE B 318 -13.09 -12.56 19.72
N ILE B 319 -13.45 -12.76 18.46
CA ILE B 319 -14.67 -13.47 18.11
C ILE B 319 -14.43 -14.96 18.11
N GLN B 320 -13.22 -15.39 17.76
CA GLN B 320 -12.92 -16.81 17.62
C GLN B 320 -11.54 -17.06 18.23
N PRO B 321 -11.48 -17.31 19.53
CA PRO B 321 -10.18 -17.42 20.23
C PRO B 321 -9.17 -18.37 19.58
N ASP B 322 -9.63 -19.49 19.04
CA ASP B 322 -8.77 -20.45 18.39
C ASP B 322 -8.49 -20.09 16.93
N ALA B 323 -8.96 -18.93 16.48
CA ALA B 323 -8.53 -18.48 15.16
C ALA B 323 -7.04 -18.22 15.20
N SER B 324 -6.42 -18.30 14.02
CA SER B 324 -5.01 -17.98 13.94
C SER B 324 -4.83 -16.50 14.23
N GLU B 325 -3.66 -16.12 14.74
CA GLU B 325 -3.55 -14.71 15.08
C GLU B 325 -3.19 -13.84 13.88
N TYR B 326 -2.78 -14.42 12.75
CA TYR B 326 -2.47 -13.65 11.55
C TYR B 326 -3.26 -14.19 10.36
N GLY B 327 -3.66 -13.29 9.47
CA GLY B 327 -4.32 -13.69 8.25
C GLY B 327 -3.39 -14.38 7.27
N MET B 328 -3.95 -15.34 6.55
CA MET B 328 -3.21 -16.11 5.55
C MET B 328 -2.89 -15.23 4.33
N HIS B 329 -1.62 -15.22 3.92
CA HIS B 329 -1.18 -14.40 2.78
C HIS B 329 -2.09 -14.60 1.56
N SER B 330 -2.47 -13.50 0.92
CA SER B 330 -3.44 -13.55 -0.17
C SER B 330 -2.96 -14.41 -1.32
N SER B 331 -1.65 -14.44 -1.57
CA SER B 331 -1.11 -15.21 -2.67
C SER B 331 -1.40 -16.71 -2.54
N HIS B 332 -1.71 -17.18 -1.35
CA HIS B 332 -1.95 -18.59 -1.12
C HIS B 332 -3.27 -18.85 -0.41
N ASN B 333 -4.11 -17.83 -0.27
CA ASN B 333 -5.36 -17.94 0.46
C ASN B 333 -6.44 -18.42 -0.51
N GLU B 334 -6.92 -19.63 -0.29
CA GLU B 334 -7.92 -20.22 -1.18
C GLU B 334 -9.17 -19.35 -1.32
N VAL B 335 -9.38 -18.41 -0.40
CA VAL B 335 -10.51 -17.49 -0.37
C VAL B 335 -10.62 -16.76 -1.72
N PHE B 336 -9.50 -16.69 -2.45
CA PHE B 336 -9.42 -16.03 -3.75
C PHE B 336 -9.43 -16.99 -4.94
N LYS B 337 -9.68 -18.29 -4.71
CA LYS B 337 -9.53 -19.29 -5.77
C LYS B 337 -10.34 -18.94 -7.01
N LYS B 338 -11.66 -18.79 -6.84
CA LYS B 338 -12.50 -18.56 -8.01
C LYS B 338 -12.19 -17.20 -8.64
N ARG B 339 -11.97 -16.18 -7.81
CA ARG B 339 -11.70 -14.84 -8.32
C ARG B 339 -10.43 -14.84 -9.18
N ASN B 340 -9.38 -15.50 -8.67
CA ASN B 340 -8.14 -15.64 -9.43
C ASN B 340 -8.34 -16.44 -10.70
N ARG B 341 -9.24 -17.43 -10.65
CA ARG B 341 -9.51 -18.27 -11.81
C ARG B 341 -9.83 -17.44 -13.05
N GLU B 342 -10.73 -16.46 -12.92
CA GLU B 342 -11.06 -15.64 -14.09
C GLU B 342 -9.92 -14.70 -14.45
N LEU B 343 -9.27 -14.10 -13.46
CA LEU B 343 -8.17 -13.19 -13.74
C LEU B 343 -7.08 -13.90 -14.53
N ILE B 344 -6.79 -15.15 -14.19
CA ILE B 344 -5.77 -15.92 -14.90
C ILE B 344 -6.25 -16.23 -16.32
N LYS B 345 -7.54 -16.53 -16.47
CA LYS B 345 -8.07 -16.86 -17.80
C LYS B 345 -7.96 -15.68 -18.76
N GLN B 346 -8.06 -14.45 -18.24
CA GLN B 346 -7.81 -13.25 -19.03
C GLN B 346 -6.32 -12.98 -19.22
N MET B 347 -5.47 -13.45 -18.30
CA MET B 347 -4.04 -13.21 -18.46
C MET B 347 -3.47 -13.99 -19.63
N MET B 348 -4.09 -15.12 -19.98
CA MET B 348 -3.64 -15.92 -21.11
C MET B 348 -4.20 -15.41 -22.44
N LYS B 349 -4.56 -14.12 -22.51
CA LYS B 349 -5.33 -13.49 -23.61
C LYS B 349 -6.76 -14.04 -23.68
#